data_2RT9
#
_entry.id   2RT9
#
loop_
_entity.id
_entity.type
_entity.pdbx_description
1 polymer 'F-box only protein 43'
2 non-polymer 'ZINC ION'
#
_entity_poly.entity_id   1
_entity_poly.type   'polypeptide(L)'
_entity_poly.pdbx_seq_one_letter_code
;GSSGSSGTDEALKPCPRCQSPAKYQPHKKRGLCSRLACGFDFCVLCLCAYHGSEDCRRG
;
_entity_poly.pdbx_strand_id   A
#
loop_
_chem_comp.id
_chem_comp.type
_chem_comp.name
_chem_comp.formula
ZN non-polymer 'ZINC ION' 'Zn 2'
#
# COMPACT_ATOMS: atom_id res chain seq x y z
N THR A 8 4.14 21.09 -2.27
CA THR A 8 3.95 19.72 -2.80
C THR A 8 4.46 18.66 -1.84
N ASP A 9 5.79 18.56 -1.62
CA ASP A 9 6.48 17.54 -0.81
C ASP A 9 6.30 16.07 -1.30
N GLU A 10 7.16 15.16 -0.81
CA GLU A 10 7.12 13.73 -1.15
C GLU A 10 6.08 12.92 -0.34
N ALA A 11 5.78 11.70 -0.79
CA ALA A 11 4.88 10.76 -0.14
C ALA A 11 5.33 9.32 -0.40
N LEU A 12 5.46 8.54 0.68
CA LEU A 12 5.65 7.09 0.72
C LEU A 12 4.97 6.55 1.99
N LYS A 13 4.08 5.56 1.83
CA LYS A 13 3.30 5.00 2.95
C LYS A 13 4.00 3.79 3.60
N PRO A 14 3.79 3.56 4.91
CA PRO A 14 4.27 2.36 5.58
C PRO A 14 3.46 1.12 5.17
N CYS A 15 4.18 0.02 4.90
CA CYS A 15 3.65 -1.31 4.66
C CYS A 15 2.78 -1.80 5.84
N PRO A 16 1.57 -2.31 5.61
CA PRO A 16 0.66 -2.77 6.66
C PRO A 16 1.14 -4.06 7.36
N ARG A 17 2.19 -4.73 6.86
CA ARG A 17 2.84 -5.89 7.51
C ARG A 17 4.05 -5.50 8.37
N CYS A 18 5.00 -4.74 7.81
CA CYS A 18 6.32 -4.48 8.41
C CYS A 18 6.65 -2.99 8.63
N GLN A 19 5.75 -2.08 8.24
CA GLN A 19 5.86 -0.62 8.35
C GLN A 19 7.05 -0.01 7.59
N SER A 20 7.69 -0.77 6.69
CA SER A 20 8.72 -0.28 5.77
C SER A 20 8.15 0.72 4.75
N PRO A 21 8.92 1.71 4.25
CA PRO A 21 8.46 2.59 3.18
C PRO A 21 8.26 1.80 1.88
N ALA A 22 6.99 1.59 1.54
CA ALA A 22 6.57 0.89 0.32
C ALA A 22 6.59 1.83 -0.89
N LYS A 23 6.83 1.29 -2.09
CA LYS A 23 6.75 2.01 -3.36
C LYS A 23 5.31 2.47 -3.59
N TYR A 24 5.07 3.77 -3.43
CA TYR A 24 3.74 4.36 -3.45
C TYR A 24 3.29 4.63 -4.89
N GLN A 25 2.05 4.27 -5.21
CA GLN A 25 1.45 4.36 -6.54
C GLN A 25 0.11 5.11 -6.45
N PRO A 26 0.10 6.43 -6.19
CA PRO A 26 -1.13 7.22 -5.98
C PRO A 26 -2.04 7.25 -7.21
N HIS A 27 -1.49 7.11 -8.41
CA HIS A 27 -2.21 6.97 -9.69
C HIS A 27 -2.95 5.63 -9.86
N LYS A 28 -2.60 4.62 -9.04
CA LYS A 28 -3.21 3.27 -9.00
C LYS A 28 -3.82 2.93 -7.63
N LYS A 29 -3.78 3.86 -6.67
CA LYS A 29 -4.11 3.67 -5.24
C LYS A 29 -3.51 2.40 -4.63
N ARG A 30 -2.25 2.12 -4.99
CA ARG A 30 -1.52 0.88 -4.68
C ARG A 30 -0.21 1.17 -3.95
N GLY A 31 0.25 0.24 -3.12
CA GLY A 31 1.55 0.31 -2.46
C GLY A 31 2.22 -1.07 -2.42
N LEU A 32 3.51 -1.13 -2.78
CA LEU A 32 4.30 -2.37 -2.83
C LEU A 32 5.51 -2.34 -1.88
N CYS A 33 5.60 -3.31 -0.98
CA CYS A 33 6.65 -3.37 0.03
C CYS A 33 8.07 -3.45 -0.57
N SER A 34 9.03 -2.81 0.11
CA SER A 34 10.46 -2.83 -0.23
C SER A 34 11.23 -3.99 0.43
N ARG A 35 10.64 -4.69 1.41
CA ARG A 35 11.26 -5.80 2.15
C ARG A 35 11.01 -7.13 1.44
N LEU A 36 12.07 -7.82 1.03
CA LEU A 36 11.99 -9.03 0.20
C LEU A 36 11.36 -10.24 0.92
N ALA A 37 11.50 -10.31 2.24
CA ALA A 37 10.87 -11.34 3.09
C ALA A 37 9.36 -11.09 3.33
N CYS A 38 8.90 -9.85 3.12
CA CYS A 38 7.53 -9.40 3.33
C CYS A 38 6.70 -9.39 2.03
N GLY A 39 7.19 -8.65 1.02
CA GLY A 39 6.69 -8.63 -0.36
C GLY A 39 5.17 -8.49 -0.49
N PHE A 40 4.61 -7.38 0.02
CA PHE A 40 3.18 -7.18 0.18
C PHE A 40 2.62 -6.16 -0.82
N ASP A 41 1.33 -6.29 -1.14
CA ASP A 41 0.61 -5.52 -2.15
C ASP A 41 -0.72 -5.03 -1.56
N PHE A 42 -0.81 -3.73 -1.26
CA PHE A 42 -1.90 -3.16 -0.46
C PHE A 42 -2.62 -1.97 -1.10
N CYS A 43 -3.87 -1.79 -0.68
CA CYS A 43 -4.71 -0.64 -0.94
C CYS A 43 -4.31 0.53 -0.03
N VAL A 44 -3.99 1.68 -0.64
CA VAL A 44 -3.47 2.85 0.09
C VAL A 44 -4.55 3.68 0.81
N LEU A 45 -5.83 3.31 0.66
CA LEU A 45 -6.95 3.95 1.35
C LEU A 45 -7.38 3.22 2.64
N CYS A 46 -7.32 1.88 2.67
CA CYS A 46 -7.79 1.04 3.79
C CYS A 46 -6.74 0.10 4.40
N LEU A 47 -5.52 0.10 3.86
CA LEU A 47 -4.34 -0.64 4.35
C LEU A 47 -4.56 -2.17 4.49
N CYS A 48 -5.41 -2.72 3.63
CA CYS A 48 -5.63 -4.17 3.46
C CYS A 48 -5.01 -4.65 2.13
N ALA A 49 -5.00 -5.96 1.90
CA ALA A 49 -4.55 -6.54 0.64
C ALA A 49 -5.28 -5.91 -0.56
N TYR A 50 -4.53 -5.55 -1.60
CA TYR A 50 -5.00 -4.74 -2.73
C TYR A 50 -6.24 -5.34 -3.43
N HIS A 51 -7.25 -4.51 -3.67
CA HIS A 51 -8.55 -4.90 -4.23
C HIS A 51 -8.90 -4.18 -5.55
N GLY A 52 -7.90 -3.63 -6.24
CA GLY A 52 -8.01 -3.10 -7.61
C GLY A 52 -9.12 -2.06 -7.79
N SER A 53 -10.05 -2.35 -8.71
CA SER A 53 -11.17 -1.45 -9.09
C SER A 53 -12.36 -1.46 -8.12
N GLU A 54 -12.38 -2.34 -7.11
CA GLU A 54 -13.43 -2.36 -6.08
C GLU A 54 -13.29 -1.19 -5.09
N ASP A 55 -14.40 -0.81 -4.44
CA ASP A 55 -14.41 0.16 -3.33
C ASP A 55 -13.97 -0.47 -2.00
N CYS A 56 -13.42 0.35 -1.09
CA CYS A 56 -13.02 -0.04 0.27
C CYS A 56 -14.22 -0.37 1.19
N ARG A 57 -13.93 -0.89 2.39
CA ARG A 57 -14.90 -1.40 3.37
C ARG A 57 -14.83 -0.64 4.72
N ARG A 58 -15.96 -0.58 5.44
CA ARG A 58 -16.07 0.04 6.77
C ARG A 58 -15.62 -0.89 7.90
N GLY A 59 -15.25 -0.31 9.05
CA GLY A 59 -14.81 -1.02 10.26
C GLY A 59 -14.40 -0.07 11.39
ZN ZN B . 6.41 -5.02 4.22
ZN ZN C . -9.22 -0.19 -0.05
N THR A 8 11.14 18.88 0.10
CA THR A 8 10.32 19.11 1.31
C THR A 8 9.09 18.22 1.33
N ASP A 9 8.11 18.40 0.43
CA ASP A 9 6.89 17.58 0.35
C ASP A 9 7.16 16.23 -0.34
N GLU A 10 6.68 15.13 0.26
CA GLU A 10 6.80 13.75 -0.21
C GLU A 10 5.64 12.87 0.28
N ALA A 11 5.44 11.70 -0.35
CA ALA A 11 4.48 10.68 0.07
C ALA A 11 4.99 9.26 -0.20
N LEU A 12 5.12 8.47 0.86
CA LEU A 12 5.35 7.03 0.87
C LEU A 12 4.67 6.44 2.11
N LYS A 13 3.83 5.41 1.94
CA LYS A 13 3.05 4.81 3.04
C LYS A 13 3.76 3.59 3.65
N PRO A 14 3.60 3.33 4.96
CA PRO A 14 4.11 2.12 5.61
C PRO A 14 3.30 0.89 5.19
N CYS A 15 4.01 -0.20 4.91
CA CYS A 15 3.45 -1.52 4.66
C CYS A 15 2.58 -2.01 5.83
N PRO A 16 1.35 -2.50 5.57
CA PRO A 16 0.41 -2.98 6.58
C PRO A 16 0.89 -4.23 7.34
N ARG A 17 1.98 -4.88 6.90
CA ARG A 17 2.56 -6.08 7.53
C ARG A 17 3.82 -5.79 8.33
N CYS A 18 4.76 -5.00 7.77
CA CYS A 18 6.10 -4.81 8.32
C CYS A 18 6.55 -3.32 8.43
N GLN A 19 5.66 -2.39 8.07
CA GLN A 19 5.83 -0.92 8.19
C GLN A 19 7.00 -0.33 7.37
N SER A 20 7.60 -1.09 6.45
CA SER A 20 8.57 -0.57 5.47
C SER A 20 7.93 0.49 4.58
N PRO A 21 8.65 1.56 4.17
CA PRO A 21 8.15 2.56 3.20
C PRO A 21 7.96 1.89 1.83
N ALA A 22 6.71 1.58 1.50
CA ALA A 22 6.33 0.92 0.26
C ALA A 22 6.42 1.89 -0.94
N LYS A 23 6.73 1.35 -2.13
CA LYS A 23 6.68 2.07 -3.40
C LYS A 23 5.24 2.51 -3.66
N TYR A 24 4.99 3.81 -3.50
CA TYR A 24 3.65 4.38 -3.52
C TYR A 24 3.21 4.67 -4.97
N GLN A 25 1.99 4.27 -5.32
CA GLN A 25 1.42 4.39 -6.67
C GLN A 25 0.07 5.14 -6.61
N PRO A 26 0.06 6.46 -6.31
CA PRO A 26 -1.16 7.25 -6.10
C PRO A 26 -2.07 7.32 -7.34
N HIS A 27 -1.50 7.18 -8.54
CA HIS A 27 -2.22 7.09 -9.82
C HIS A 27 -2.98 5.77 -10.03
N LYS A 28 -2.61 4.72 -9.28
CA LYS A 28 -3.25 3.39 -9.28
C LYS A 28 -3.92 3.03 -7.94
N LYS A 29 -3.72 3.85 -6.90
CA LYS A 29 -4.07 3.59 -5.50
C LYS A 29 -3.53 2.24 -4.98
N ARG A 30 -2.26 1.98 -5.30
CA ARG A 30 -1.52 0.75 -4.98
C ARG A 30 -0.25 1.07 -4.18
N GLY A 31 0.18 0.14 -3.34
CA GLY A 31 1.44 0.23 -2.60
C GLY A 31 2.15 -1.12 -2.54
N LEU A 32 3.44 -1.14 -2.90
CA LEU A 32 4.27 -2.35 -2.93
C LEU A 32 5.44 -2.27 -1.94
N CYS A 33 5.51 -3.22 -1.00
CA CYS A 33 6.51 -3.24 0.06
C CYS A 33 7.96 -3.24 -0.46
N SER A 34 8.85 -2.55 0.25
CA SER A 34 10.29 -2.46 -0.05
C SER A 34 11.12 -3.55 0.65
N ARG A 35 10.55 -4.30 1.61
CA ARG A 35 11.21 -5.42 2.29
C ARG A 35 11.07 -6.70 1.47
N LEU A 36 12.21 -7.27 1.05
CA LEU A 36 12.24 -8.41 0.11
C LEU A 36 11.71 -9.73 0.71
N ALA A 37 11.77 -9.88 2.04
CA ALA A 37 11.18 -11.02 2.77
C ALA A 37 9.64 -10.92 2.93
N CYS A 38 9.06 -9.75 2.63
CA CYS A 38 7.65 -9.42 2.78
C CYS A 38 6.94 -9.32 1.42
N GLY A 39 7.35 -8.35 0.58
CA GLY A 39 6.94 -8.19 -0.82
C GLY A 39 5.41 -8.14 -1.00
N PHE A 40 4.72 -7.30 -0.24
CA PHE A 40 3.27 -7.26 -0.12
C PHE A 40 2.64 -6.20 -1.04
N ASP A 41 1.37 -6.41 -1.39
CA ASP A 41 0.60 -5.63 -2.36
C ASP A 41 -0.73 -5.19 -1.76
N PHE A 42 -0.84 -3.91 -1.41
CA PHE A 42 -1.95 -3.37 -0.63
C PHE A 42 -2.66 -2.16 -1.23
N CYS A 43 -3.92 -1.98 -0.81
CA CYS A 43 -4.75 -0.81 -1.06
C CYS A 43 -4.32 0.35 -0.15
N VAL A 44 -4.01 1.49 -0.76
CA VAL A 44 -3.51 2.69 -0.04
C VAL A 44 -4.62 3.49 0.66
N LEU A 45 -5.90 3.11 0.50
CA LEU A 45 -7.03 3.74 1.18
C LEU A 45 -7.47 2.99 2.44
N CYS A 46 -7.41 1.65 2.45
CA CYS A 46 -7.94 0.80 3.54
C CYS A 46 -6.94 -0.20 4.16
N LEU A 47 -5.71 -0.22 3.66
CA LEU A 47 -4.55 -0.97 4.21
C LEU A 47 -4.75 -2.50 4.31
N CYS A 48 -5.57 -3.06 3.44
CA CYS A 48 -5.71 -4.51 3.23
C CYS A 48 -5.11 -4.91 1.88
N ALA A 49 -5.11 -6.22 1.58
CA ALA A 49 -4.64 -6.75 0.30
C ALA A 49 -5.33 -6.03 -0.89
N TYR A 50 -4.53 -5.66 -1.90
CA TYR A 50 -4.95 -4.79 -3.00
C TYR A 50 -6.15 -5.34 -3.78
N HIS A 51 -7.16 -4.49 -4.00
CA HIS A 51 -8.43 -4.85 -4.62
C HIS A 51 -8.76 -4.04 -5.90
N GLY A 52 -7.73 -3.44 -6.53
CA GLY A 52 -7.80 -2.83 -7.86
C GLY A 52 -8.93 -1.82 -8.06
N SER A 53 -9.81 -2.09 -9.03
CA SER A 53 -10.92 -1.21 -9.44
C SER A 53 -12.18 -1.30 -8.55
N GLU A 54 -12.25 -2.26 -7.63
CA GLU A 54 -13.36 -2.39 -6.66
C GLU A 54 -13.20 -1.38 -5.50
N ASP A 55 -14.30 -0.98 -4.88
CA ASP A 55 -14.32 -0.02 -3.75
C ASP A 55 -13.99 -0.68 -2.40
N CYS A 56 -13.58 0.15 -1.43
CA CYS A 56 -13.24 -0.25 -0.06
C CYS A 56 -14.50 -0.61 0.77
N ARG A 57 -14.28 -1.38 1.86
CA ARG A 57 -15.29 -1.79 2.84
C ARG A 57 -15.85 -0.63 3.67
N ARG A 58 -17.03 -0.85 4.30
CA ARG A 58 -17.71 0.08 5.22
C ARG A 58 -18.09 -0.62 6.54
N GLY A 59 -18.24 0.16 7.61
CA GLY A 59 -18.62 -0.30 8.96
C GLY A 59 -18.54 0.80 10.02
ZN ZN B . 6.24 -5.23 4.12
ZN ZN C . -9.27 -0.45 -0.11
N THR A 8 8.05 17.95 4.49
CA THR A 8 8.44 16.99 3.42
C THR A 8 8.03 17.51 2.05
N ASP A 9 8.67 17.00 0.98
CA ASP A 9 8.38 17.30 -0.43
C ASP A 9 7.99 16.04 -1.23
N GLU A 10 7.79 14.90 -0.55
CA GLU A 10 7.48 13.58 -1.14
C GLU A 10 6.41 12.81 -0.33
N ALA A 11 5.99 11.65 -0.84
CA ALA A 11 5.01 10.76 -0.22
C ALA A 11 5.41 9.29 -0.45
N LEU A 12 5.52 8.54 0.65
CA LEU A 12 5.66 7.09 0.72
C LEU A 12 4.94 6.61 1.99
N LYS A 13 4.08 5.59 1.86
CA LYS A 13 3.25 5.06 2.96
C LYS A 13 3.87 3.83 3.63
N PRO A 14 3.58 3.60 4.92
CA PRO A 14 3.99 2.39 5.62
C PRO A 14 3.18 1.17 5.17
N CYS A 15 3.89 0.07 4.93
CA CYS A 15 3.35 -1.26 4.66
C CYS A 15 2.44 -1.75 5.82
N PRO A 16 1.24 -2.26 5.52
CA PRO A 16 0.30 -2.75 6.53
C PRO A 16 0.75 -4.04 7.24
N ARG A 17 1.81 -4.72 6.75
CA ARG A 17 2.43 -5.87 7.43
C ARG A 17 3.59 -5.50 8.34
N CYS A 18 4.55 -4.71 7.84
CA CYS A 18 5.85 -4.46 8.50
C CYS A 18 6.19 -2.98 8.74
N GLN A 19 5.33 -2.06 8.29
CA GLN A 19 5.47 -0.60 8.38
C GLN A 19 6.71 -0.03 7.66
N SER A 20 7.36 -0.82 6.79
CA SER A 20 8.44 -0.34 5.90
C SER A 20 7.89 0.66 4.87
N PRO A 21 8.69 1.64 4.39
CA PRO A 21 8.28 2.53 3.30
C PRO A 21 8.07 1.73 2.01
N ALA A 22 6.82 1.59 1.63
CA ALA A 22 6.39 0.92 0.41
C ALA A 22 6.45 1.87 -0.80
N LYS A 23 6.77 1.34 -1.99
CA LYS A 23 6.74 2.07 -3.27
C LYS A 23 5.31 2.52 -3.54
N TYR A 24 5.07 3.82 -3.39
CA TYR A 24 3.73 4.41 -3.44
C TYR A 24 3.32 4.70 -4.88
N GLN A 25 2.08 4.34 -5.23
CA GLN A 25 1.52 4.44 -6.59
C GLN A 25 0.17 5.18 -6.54
N PRO A 26 0.15 6.51 -6.26
CA PRO A 26 -1.09 7.28 -6.08
C PRO A 26 -1.98 7.31 -7.34
N HIS A 27 -1.38 7.19 -8.52
CA HIS A 27 -2.06 7.07 -9.83
C HIS A 27 -2.78 5.72 -10.02
N LYS A 28 -2.43 4.69 -9.23
CA LYS A 28 -3.04 3.34 -9.22
C LYS A 28 -3.68 2.98 -7.87
N LYS A 29 -3.67 3.91 -6.90
CA LYS A 29 -4.04 3.71 -5.48
C LYS A 29 -3.46 2.43 -4.87
N ARG A 30 -2.19 2.15 -5.19
CA ARG A 30 -1.47 0.91 -4.86
C ARG A 30 -0.19 1.22 -4.08
N GLY A 31 0.25 0.28 -3.24
CA GLY A 31 1.52 0.36 -2.53
C GLY A 31 2.19 -1.01 -2.46
N LEU A 32 3.50 -1.06 -2.77
CA LEU A 32 4.30 -2.30 -2.81
C LEU A 32 5.46 -2.27 -1.81
N CYS A 33 5.53 -3.23 -0.89
CA CYS A 33 6.54 -3.26 0.15
C CYS A 33 7.98 -3.37 -0.42
N SER A 34 8.91 -2.62 0.18
CA SER A 34 10.33 -2.61 -0.18
C SER A 34 11.11 -3.80 0.44
N ARG A 35 10.58 -4.41 1.50
CA ARG A 35 11.20 -5.52 2.23
C ARG A 35 10.95 -6.85 1.51
N LEU A 36 12.02 -7.53 1.09
CA LEU A 36 11.94 -8.75 0.27
C LEU A 36 11.39 -9.97 1.03
N ALA A 37 11.51 -9.99 2.36
CA ALA A 37 10.91 -11.00 3.24
C ALA A 37 9.39 -10.81 3.46
N CYS A 38 8.84 -9.67 3.03
CA CYS A 38 7.45 -9.24 3.22
C CYS A 38 6.67 -9.22 1.89
N GLY A 39 7.16 -8.42 0.93
CA GLY A 39 6.71 -8.39 -0.46
C GLY A 39 5.19 -8.27 -0.65
N PHE A 40 4.58 -7.25 -0.03
CA PHE A 40 3.13 -7.10 0.10
C PHE A 40 2.57 -6.08 -0.90
N ASP A 41 1.30 -6.25 -1.26
CA ASP A 41 0.59 -5.49 -2.29
C ASP A 41 -0.76 -5.01 -1.74
N PHE A 42 -0.88 -3.72 -1.44
CA PHE A 42 -2.00 -3.16 -0.69
C PHE A 42 -2.70 -1.96 -1.34
N CYS A 43 -3.97 -1.80 -0.97
CA CYS A 43 -4.80 -0.63 -1.25
C CYS A 43 -4.43 0.53 -0.32
N VAL A 44 -4.10 1.69 -0.89
CA VAL A 44 -3.61 2.85 -0.12
C VAL A 44 -4.73 3.64 0.58
N LEU A 45 -6.00 3.29 0.35
CA LEU A 45 -7.16 3.92 1.01
C LEU A 45 -7.62 3.15 2.26
N CYS A 46 -7.60 1.80 2.24
CA CYS A 46 -8.11 0.95 3.33
C CYS A 46 -7.07 0.00 3.97
N LEU A 47 -5.82 0.04 3.50
CA LEU A 47 -4.66 -0.68 4.04
C LEU A 47 -4.85 -2.21 4.16
N CYS A 48 -5.63 -2.78 3.25
CA CYS A 48 -5.83 -4.22 3.07
C CYS A 48 -5.20 -4.69 1.76
N ALA A 49 -5.17 -6.00 1.51
CA ALA A 49 -4.67 -6.56 0.25
C ALA A 49 -5.35 -5.92 -0.97
N TYR A 50 -4.56 -5.53 -1.97
CA TYR A 50 -4.98 -4.70 -3.10
C TYR A 50 -6.17 -5.30 -3.87
N HIS A 51 -7.16 -4.45 -4.17
CA HIS A 51 -8.43 -4.82 -4.79
C HIS A 51 -8.78 -4.03 -6.06
N GLY A 52 -7.78 -3.42 -6.71
CA GLY A 52 -7.90 -2.78 -8.02
C GLY A 52 -9.01 -1.74 -8.12
N SER A 53 -9.94 -1.93 -9.05
CA SER A 53 -11.06 -1.02 -9.34
C SER A 53 -12.30 -1.23 -8.45
N GLU A 54 -12.31 -2.22 -7.55
CA GLU A 54 -13.41 -2.44 -6.60
C GLU A 54 -13.43 -1.38 -5.48
N ASP A 55 -14.56 -1.23 -4.79
CA ASP A 55 -14.74 -0.31 -3.65
C ASP A 55 -14.16 -0.83 -2.33
N CYS A 56 -13.64 0.08 -1.50
CA CYS A 56 -13.03 -0.20 -0.20
C CYS A 56 -14.04 -0.62 0.89
N ARG A 57 -13.50 -1.18 1.98
CA ARG A 57 -14.24 -1.68 3.16
C ARG A 57 -15.03 -0.54 3.82
N ARG A 58 -16.37 -0.65 3.81
CA ARG A 58 -17.33 0.38 4.28
C ARG A 58 -17.10 1.77 3.64
N GLY A 59 -16.62 1.80 2.38
CA GLY A 59 -16.38 3.02 1.59
C GLY A 59 -17.64 3.82 1.27
ZN ZN B . 6.19 -4.95 4.32
ZN ZN C . -9.34 -0.20 -0.59
N THR A 8 11.94 14.25 6.61
CA THR A 8 11.65 13.58 5.32
C THR A 8 10.37 14.13 4.70
N ASP A 9 10.39 14.44 3.41
CA ASP A 9 9.28 15.07 2.65
C ASP A 9 8.79 14.22 1.45
N GLU A 10 9.27 12.98 1.33
CA GLU A 10 8.93 12.04 0.24
C GLU A 10 7.51 11.46 0.40
N ALA A 11 6.85 11.18 -0.72
CA ALA A 11 5.57 10.46 -0.78
C ALA A 11 5.82 8.95 -0.75
N LEU A 12 5.82 8.37 0.44
CA LEU A 12 5.85 6.94 0.71
C LEU A 12 5.02 6.62 1.97
N LYS A 13 4.15 5.60 1.88
CA LYS A 13 3.36 5.07 2.99
C LYS A 13 4.02 3.85 3.66
N PRO A 14 3.77 3.60 4.95
CA PRO A 14 4.16 2.37 5.63
C PRO A 14 3.31 1.17 5.17
N CYS A 15 3.97 0.05 4.92
CA CYS A 15 3.36 -1.26 4.65
C CYS A 15 2.46 -1.71 5.82
N PRO A 16 1.23 -2.19 5.54
CA PRO A 16 0.27 -2.62 6.55
C PRO A 16 0.69 -3.91 7.29
N ARG A 17 1.72 -4.64 6.81
CA ARG A 17 2.30 -5.81 7.48
C ARG A 17 3.50 -5.48 8.38
N CYS A 18 4.47 -4.72 7.85
CA CYS A 18 5.79 -4.53 8.47
C CYS A 18 6.24 -3.06 8.60
N GLN A 19 5.41 -2.11 8.17
CA GLN A 19 5.63 -0.66 8.25
C GLN A 19 6.86 -0.13 7.46
N SER A 20 7.45 -0.94 6.57
CA SER A 20 8.48 -0.50 5.62
C SER A 20 7.94 0.62 4.70
N PRO A 21 8.74 1.63 4.30
CA PRO A 21 8.34 2.67 3.35
C PRO A 21 8.18 2.08 1.95
N ALA A 22 6.96 1.63 1.66
CA ALA A 22 6.57 0.90 0.47
C ALA A 22 6.53 1.79 -0.79
N LYS A 23 6.84 1.20 -1.96
CA LYS A 23 6.78 1.85 -3.29
C LYS A 23 5.35 2.34 -3.53
N TYR A 24 5.15 3.65 -3.42
CA TYR A 24 3.84 4.27 -3.41
C TYR A 24 3.37 4.61 -4.83
N GLN A 25 2.15 4.22 -5.19
CA GLN A 25 1.56 4.38 -6.52
C GLN A 25 0.17 5.04 -6.42
N PRO A 26 0.08 6.31 -5.97
CA PRO A 26 -1.19 7.02 -5.73
C PRO A 26 -2.04 7.26 -6.98
N HIS A 27 -1.44 7.22 -8.18
CA HIS A 27 -2.13 7.25 -9.48
C HIS A 27 -2.87 5.93 -9.80
N LYS A 28 -2.43 4.81 -9.20
CA LYS A 28 -3.06 3.48 -9.27
C LYS A 28 -3.79 3.09 -7.97
N LYS A 29 -3.66 3.89 -6.91
CA LYS A 29 -4.05 3.60 -5.51
C LYS A 29 -3.48 2.28 -5.00
N ARG A 30 -2.23 1.99 -5.37
CA ARG A 30 -1.48 0.76 -5.04
C ARG A 30 -0.23 1.08 -4.22
N GLY A 31 0.17 0.15 -3.36
CA GLY A 31 1.42 0.24 -2.60
C GLY A 31 2.10 -1.14 -2.51
N LEU A 32 3.40 -1.20 -2.81
CA LEU A 32 4.19 -2.44 -2.84
C LEU A 32 5.34 -2.41 -1.82
N CYS A 33 5.39 -3.38 -0.91
CA CYS A 33 6.37 -3.41 0.16
C CYS A 33 7.82 -3.40 -0.34
N SER A 34 8.67 -2.66 0.36
CA SER A 34 10.10 -2.53 0.11
C SER A 34 10.95 -3.60 0.80
N ARG A 35 10.35 -4.45 1.65
CA ARG A 35 10.96 -5.62 2.27
C ARG A 35 10.68 -6.88 1.44
N LEU A 36 11.73 -7.55 0.96
CA LEU A 36 11.60 -8.72 0.05
C LEU A 36 10.99 -9.96 0.73
N ALA A 37 11.21 -10.14 2.04
CA ALA A 37 10.64 -11.24 2.82
C ALA A 37 9.13 -11.05 3.13
N CYS A 38 8.64 -9.80 3.12
CA CYS A 38 7.26 -9.41 3.31
C CYS A 38 6.48 -9.41 1.99
N GLY A 39 6.98 -8.63 1.02
CA GLY A 39 6.55 -8.62 -0.39
C GLY A 39 5.03 -8.46 -0.57
N PHE A 40 4.44 -7.41 0.01
CA PHE A 40 3.00 -7.22 0.13
C PHE A 40 2.47 -6.23 -0.90
N ASP A 41 1.19 -6.38 -1.25
CA ASP A 41 0.49 -5.59 -2.27
C ASP A 41 -0.83 -5.08 -1.69
N PHE A 42 -0.90 -3.77 -1.40
CA PHE A 42 -1.99 -3.18 -0.63
C PHE A 42 -2.69 -1.98 -1.31
N CYS A 43 -3.94 -1.80 -0.91
CA CYS A 43 -4.76 -0.63 -1.21
C CYS A 43 -4.35 0.53 -0.30
N VAL A 44 -3.96 1.66 -0.88
CA VAL A 44 -3.46 2.83 -0.14
C VAL A 44 -4.56 3.66 0.52
N LEU A 45 -5.84 3.31 0.29
CA LEU A 45 -7.01 4.00 0.83
C LEU A 45 -7.60 3.31 2.08
N CYS A 46 -7.52 1.97 2.17
CA CYS A 46 -8.05 1.16 3.29
C CYS A 46 -7.04 0.21 3.96
N LEU A 47 -5.79 0.18 3.48
CA LEU A 47 -4.65 -0.57 4.05
C LEU A 47 -4.89 -2.09 4.19
N CYS A 48 -5.73 -2.64 3.31
CA CYS A 48 -5.95 -4.08 3.14
C CYS A 48 -5.24 -4.59 1.86
N ALA A 49 -5.26 -5.90 1.63
CA ALA A 49 -4.76 -6.49 0.39
C ALA A 49 -5.42 -5.83 -0.85
N TYR A 50 -4.61 -5.50 -1.85
CA TYR A 50 -5.01 -4.67 -3.00
C TYR A 50 -6.19 -5.27 -3.78
N HIS A 51 -7.19 -4.42 -4.07
CA HIS A 51 -8.47 -4.81 -4.65
C HIS A 51 -8.86 -4.03 -5.92
N GLY A 52 -7.87 -3.41 -6.59
CA GLY A 52 -8.04 -2.75 -7.89
C GLY A 52 -9.17 -1.72 -7.93
N SER A 53 -10.16 -1.96 -8.80
CA SER A 53 -11.33 -1.09 -9.02
C SER A 53 -12.54 -1.37 -8.12
N GLU A 54 -12.47 -2.37 -7.22
CA GLU A 54 -13.53 -2.66 -6.24
C GLU A 54 -13.59 -1.60 -5.12
N ASP A 55 -14.66 -1.60 -4.32
CA ASP A 55 -14.85 -0.66 -3.20
C ASP A 55 -14.02 -1.01 -1.94
N CYS A 56 -13.54 0.03 -1.25
CA CYS A 56 -12.81 -0.07 0.02
C CYS A 56 -13.70 -0.45 1.22
N ARG A 57 -13.04 -0.79 2.35
CA ARG A 57 -13.65 -1.23 3.61
C ARG A 57 -13.49 -0.19 4.73
N ARG A 58 -14.39 -0.22 5.72
CA ARG A 58 -14.38 0.65 6.91
C ARG A 58 -13.29 0.27 7.92
N GLY A 59 -12.89 1.24 8.76
CA GLY A 59 -11.92 1.08 9.85
C GLY A 59 -12.47 0.26 11.02
ZN ZN B . 6.01 -5.09 4.32
ZN ZN C . -9.28 -0.06 -0.58
N THR A 8 9.58 21.14 -1.61
CA THR A 8 8.21 20.57 -1.51
C THR A 8 8.23 19.24 -0.75
N ASP A 9 7.06 18.83 -0.22
CA ASP A 9 6.88 17.56 0.51
C ASP A 9 6.82 16.32 -0.41
N GLU A 10 7.03 15.14 0.17
CA GLU A 10 7.02 13.83 -0.50
C GLU A 10 6.10 12.82 0.24
N ALA A 11 5.76 11.71 -0.41
CA ALA A 11 4.88 10.67 0.13
C ALA A 11 5.38 9.27 -0.27
N LEU A 12 5.59 8.43 0.75
CA LEU A 12 5.83 6.99 0.69
C LEU A 12 5.20 6.36 1.94
N LYS A 13 4.12 5.58 1.78
CA LYS A 13 3.37 5.03 2.92
C LYS A 13 4.08 3.83 3.57
N PRO A 14 3.93 3.63 4.89
CA PRO A 14 4.42 2.43 5.57
C PRO A 14 3.58 1.20 5.19
N CYS A 15 4.28 0.09 4.94
CA CYS A 15 3.72 -1.24 4.75
C CYS A 15 2.85 -1.68 5.94
N PRO A 16 1.63 -2.18 5.70
CA PRO A 16 0.71 -2.63 6.75
C PRO A 16 1.19 -3.89 7.50
N ARG A 17 2.25 -4.55 7.01
CA ARG A 17 2.85 -5.75 7.63
C ARG A 17 4.11 -5.45 8.47
N CYS A 18 5.04 -4.65 7.92
CA CYS A 18 6.37 -4.42 8.50
C CYS A 18 6.74 -2.93 8.68
N GLN A 19 5.87 -2.00 8.26
CA GLN A 19 6.03 -0.55 8.34
C GLN A 19 7.24 0.01 7.56
N SER A 20 7.85 -0.78 6.68
CA SER A 20 8.86 -0.32 5.72
C SER A 20 8.26 0.67 4.71
N PRO A 21 9.01 1.66 4.18
CA PRO A 21 8.53 2.53 3.12
C PRO A 21 8.28 1.72 1.85
N ALA A 22 7.02 1.64 1.47
CA ALA A 22 6.56 0.97 0.25
C ALA A 22 6.66 1.90 -0.96
N LYS A 23 6.90 1.33 -2.15
CA LYS A 23 6.83 2.03 -3.44
C LYS A 23 5.39 2.48 -3.66
N TYR A 24 5.15 3.78 -3.50
CA TYR A 24 3.82 4.37 -3.51
C TYR A 24 3.34 4.64 -4.94
N GLN A 25 2.10 4.25 -5.24
CA GLN A 25 1.49 4.33 -6.56
C GLN A 25 0.13 5.06 -6.46
N PRO A 26 0.09 6.37 -6.17
CA PRO A 26 -1.15 7.12 -5.93
C PRO A 26 -2.08 7.16 -7.17
N HIS A 27 -1.53 7.05 -8.37
CA HIS A 27 -2.25 6.93 -9.64
C HIS A 27 -2.97 5.58 -9.82
N LYS A 28 -2.57 4.55 -9.07
CA LYS A 28 -3.17 3.20 -9.01
C LYS A 28 -3.77 2.85 -7.64
N LYS A 29 -3.71 3.79 -6.68
CA LYS A 29 -4.02 3.61 -5.25
C LYS A 29 -3.42 2.33 -4.64
N ARG A 30 -2.17 2.05 -5.01
CA ARG A 30 -1.44 0.82 -4.69
C ARG A 30 -0.13 1.13 -3.96
N GLY A 31 0.33 0.23 -3.10
CA GLY A 31 1.61 0.32 -2.43
C GLY A 31 2.29 -1.06 -2.38
N LEU A 32 3.58 -1.11 -2.76
CA LEU A 32 4.39 -2.33 -2.78
C LEU A 32 5.57 -2.25 -1.82
N CYS A 33 5.64 -3.14 -0.83
CA CYS A 33 6.71 -3.16 0.17
C CYS A 33 8.10 -3.28 -0.47
N SER A 34 9.06 -2.47 0.00
CA SER A 34 10.45 -2.47 -0.48
C SER A 34 11.32 -3.56 0.17
N ARG A 35 10.83 -4.22 1.23
CA ARG A 35 11.52 -5.31 1.93
C ARG A 35 11.26 -6.65 1.23
N LEU A 36 12.31 -7.30 0.72
CA LEU A 36 12.23 -8.51 -0.10
C LEU A 36 11.74 -9.75 0.68
N ALA A 37 11.92 -9.76 2.00
CA ALA A 37 11.38 -10.78 2.91
C ALA A 37 9.85 -10.64 3.17
N CYS A 38 9.25 -9.54 2.75
CA CYS A 38 7.86 -9.15 2.98
C CYS A 38 7.06 -9.09 1.66
N GLY A 39 7.44 -8.18 0.76
CA GLY A 39 6.93 -8.10 -0.62
C GLY A 39 5.41 -8.02 -0.73
N PHE A 40 4.77 -7.14 0.05
CA PHE A 40 3.32 -7.07 0.23
C PHE A 40 2.68 -6.04 -0.70
N ASP A 41 1.43 -6.29 -1.08
CA ASP A 41 0.67 -5.53 -2.08
C ASP A 41 -0.65 -5.05 -1.48
N PHE A 42 -0.74 -3.75 -1.19
CA PHE A 42 -1.83 -3.17 -0.40
C PHE A 42 -2.54 -1.98 -1.04
N CYS A 43 -3.79 -1.79 -0.62
CA CYS A 43 -4.63 -0.63 -0.90
C CYS A 43 -4.22 0.54 0.00
N VAL A 44 -3.90 1.69 -0.62
CA VAL A 44 -3.39 2.87 0.10
C VAL A 44 -4.47 3.70 0.81
N LEU A 45 -5.75 3.33 0.65
CA LEU A 45 -6.87 3.98 1.35
C LEU A 45 -7.29 3.26 2.65
N CYS A 46 -7.26 1.92 2.68
CA CYS A 46 -7.71 1.10 3.82
C CYS A 46 -6.65 0.18 4.46
N LEU A 47 -5.44 0.14 3.88
CA LEU A 47 -4.28 -0.62 4.39
C LEU A 47 -4.50 -2.13 4.54
N CYS A 48 -5.37 -2.71 3.70
CA CYS A 48 -5.55 -4.15 3.54
C CYS A 48 -4.94 -4.61 2.21
N ALA A 49 -4.93 -5.94 1.96
CA ALA A 49 -4.47 -6.51 0.70
C ALA A 49 -5.21 -5.86 -0.50
N TYR A 50 -4.45 -5.53 -1.56
CA TYR A 50 -4.92 -4.72 -2.68
C TYR A 50 -6.16 -5.31 -3.39
N HIS A 51 -7.16 -4.46 -3.63
CA HIS A 51 -8.46 -4.82 -4.21
C HIS A 51 -8.82 -4.05 -5.48
N GLY A 52 -7.83 -3.49 -6.19
CA GLY A 52 -7.97 -2.90 -7.52
C GLY A 52 -9.02 -1.79 -7.61
N SER A 53 -9.99 -1.97 -8.50
CA SER A 53 -11.07 -0.99 -8.77
C SER A 53 -12.30 -1.13 -7.86
N GLU A 54 -12.32 -2.10 -6.93
CA GLU A 54 -13.41 -2.25 -5.94
C GLU A 54 -13.36 -1.16 -4.85
N ASP A 55 -14.50 -0.91 -4.22
CA ASP A 55 -14.65 -0.06 -3.02
C ASP A 55 -13.95 -0.65 -1.77
N CYS A 56 -13.47 0.22 -0.88
CA CYS A 56 -12.96 -0.15 0.44
C CYS A 56 -14.10 -0.53 1.41
N ARG A 57 -13.84 -1.52 2.30
CA ARG A 57 -14.85 -2.19 3.14
C ARG A 57 -14.36 -2.42 4.58
N ARG A 58 -15.31 -2.72 5.48
CA ARG A 58 -15.06 -2.99 6.92
C ARG A 58 -14.24 -4.29 7.14
N GLY A 59 -13.53 -4.35 8.26
CA GLY A 59 -12.68 -5.47 8.68
C GLY A 59 -12.23 -5.37 10.15
ZN ZN B . 6.55 -4.94 4.33
ZN ZN C . -9.14 -0.22 0.05
N THR A 8 12.76 15.96 6.12
CA THR A 8 12.22 15.36 4.87
C THR A 8 10.95 14.57 5.15
N ASP A 9 9.94 14.70 4.28
CA ASP A 9 8.66 13.98 4.36
C ASP A 9 8.13 13.61 2.96
N GLU A 10 7.54 12.42 2.84
CA GLU A 10 7.00 11.86 1.58
C GLU A 10 5.69 11.08 1.83
N ALA A 11 4.88 10.89 0.78
CA ALA A 11 3.58 10.19 0.85
C ALA A 11 3.66 8.65 0.83
N LEU A 12 4.88 8.13 0.94
CA LEU A 12 5.28 6.73 1.06
C LEU A 12 4.73 6.12 2.34
N LYS A 13 3.66 5.34 2.18
CA LYS A 13 2.86 4.79 3.28
C LYS A 13 3.51 3.55 3.91
N PRO A 14 3.32 3.32 5.22
CA PRO A 14 3.80 2.12 5.90
C PRO A 14 3.01 0.89 5.44
N CYS A 15 3.75 -0.15 5.03
CA CYS A 15 3.25 -1.47 4.68
C CYS A 15 2.36 -2.07 5.79
N PRO A 16 1.15 -2.57 5.47
CA PRO A 16 0.21 -3.11 6.45
C PRO A 16 0.67 -4.43 7.09
N ARG A 17 1.78 -5.03 6.62
CA ARG A 17 2.44 -6.20 7.25
C ARG A 17 3.61 -5.82 8.16
N CYS A 18 4.55 -5.01 7.68
CA CYS A 18 5.85 -4.75 8.34
C CYS A 18 6.15 -3.27 8.63
N GLN A 19 5.24 -2.37 8.24
CA GLN A 19 5.31 -0.91 8.41
C GLN A 19 6.50 -0.23 7.71
N SER A 20 7.18 -0.94 6.80
CA SER A 20 8.24 -0.39 5.93
C SER A 20 7.67 0.65 4.94
N PRO A 21 8.43 1.67 4.51
CA PRO A 21 8.01 2.60 3.47
C PRO A 21 7.90 1.89 2.12
N ALA A 22 6.66 1.62 1.71
CA ALA A 22 6.34 0.96 0.45
C ALA A 22 6.42 1.92 -0.75
N LYS A 23 6.75 1.40 -1.94
CA LYS A 23 6.73 2.13 -3.20
C LYS A 23 5.30 2.56 -3.51
N TYR A 24 5.05 3.87 -3.42
CA TYR A 24 3.71 4.45 -3.52
C TYR A 24 3.33 4.70 -4.98
N GLN A 25 2.10 4.33 -5.34
CA GLN A 25 1.56 4.42 -6.70
C GLN A 25 0.20 5.17 -6.66
N PRO A 26 0.18 6.49 -6.40
CA PRO A 26 -1.06 7.28 -6.25
C PRO A 26 -1.93 7.29 -7.52
N HIS A 27 -1.31 7.16 -8.70
CA HIS A 27 -1.98 7.02 -10.00
C HIS A 27 -2.71 5.68 -10.19
N LYS A 28 -2.40 4.67 -9.35
CA LYS A 28 -3.01 3.32 -9.34
C LYS A 28 -3.68 2.97 -8.01
N LYS A 29 -3.68 3.90 -7.03
CA LYS A 29 -4.09 3.69 -5.61
C LYS A 29 -3.49 2.41 -4.99
N ARG A 30 -2.22 2.15 -5.31
CA ARG A 30 -1.50 0.91 -4.99
C ARG A 30 -0.21 1.20 -4.21
N GLY A 31 0.22 0.27 -3.37
CA GLY A 31 1.48 0.35 -2.64
C GLY A 31 2.16 -1.01 -2.58
N LEU A 32 3.46 -1.05 -2.90
CA LEU A 32 4.27 -2.29 -2.94
C LEU A 32 5.43 -2.24 -1.94
N CYS A 33 5.51 -3.24 -1.05
CA CYS A 33 6.50 -3.29 0.02
C CYS A 33 7.96 -3.30 -0.50
N SER A 34 8.84 -2.62 0.24
CA SER A 34 10.29 -2.58 -0.02
C SER A 34 11.04 -3.79 0.56
N ARG A 35 10.47 -4.48 1.56
CA ARG A 35 11.07 -5.63 2.25
C ARG A 35 10.87 -6.92 1.45
N LEU A 36 11.96 -7.55 1.03
CA LEU A 36 11.93 -8.72 0.12
C LEU A 36 11.32 -9.98 0.75
N ALA A 37 11.43 -10.14 2.08
CA ALA A 37 10.80 -11.23 2.84
C ALA A 37 9.28 -11.03 3.05
N CYS A 38 8.79 -9.80 2.89
CA CYS A 38 7.39 -9.39 3.06
C CYS A 38 6.64 -9.35 1.73
N GLY A 39 7.14 -8.54 0.79
CA GLY A 39 6.72 -8.48 -0.63
C GLY A 39 5.21 -8.35 -0.82
N PHE A 40 4.59 -7.33 -0.21
CA PHE A 40 3.14 -7.18 -0.11
C PHE A 40 2.59 -6.14 -1.09
N ASP A 41 1.31 -6.30 -1.44
CA ASP A 41 0.61 -5.52 -2.47
C ASP A 41 -0.75 -5.06 -1.91
N PHE A 42 -0.87 -3.77 -1.57
CA PHE A 42 -2.00 -3.23 -0.81
C PHE A 42 -2.70 -2.03 -1.44
N CYS A 43 -3.97 -1.87 -1.07
CA CYS A 43 -4.80 -0.71 -1.35
C CYS A 43 -4.42 0.44 -0.41
N VAL A 44 -4.04 1.59 -0.97
CA VAL A 44 -3.55 2.75 -0.20
C VAL A 44 -4.66 3.55 0.49
N LEU A 45 -5.93 3.23 0.24
CA LEU A 45 -7.09 3.87 0.89
C LEU A 45 -7.56 3.12 2.14
N CYS A 46 -7.53 1.78 2.14
CA CYS A 46 -8.09 0.93 3.22
C CYS A 46 -7.11 -0.07 3.85
N LEU A 47 -5.86 -0.10 3.39
CA LEU A 47 -4.71 -0.85 3.96
C LEU A 47 -4.93 -2.37 4.09
N CYS A 48 -5.67 -2.95 3.14
CA CYS A 48 -5.81 -4.40 2.95
C CYS A 48 -5.17 -4.82 1.61
N ALA A 49 -5.12 -6.13 1.35
CA ALA A 49 -4.61 -6.67 0.08
C ALA A 49 -5.32 -6.01 -1.12
N TYR A 50 -4.53 -5.62 -2.13
CA TYR A 50 -4.98 -4.78 -3.25
C TYR A 50 -6.17 -5.39 -4.01
N HIS A 51 -7.21 -4.58 -4.22
CA HIS A 51 -8.52 -5.02 -4.73
C HIS A 51 -8.95 -4.32 -6.04
N GLY A 52 -8.01 -3.69 -6.75
CA GLY A 52 -8.20 -3.14 -8.10
C GLY A 52 -9.42 -2.21 -8.24
N SER A 53 -10.38 -2.61 -9.07
CA SER A 53 -11.59 -1.84 -9.39
C SER A 53 -12.75 -2.00 -8.39
N GLU A 54 -12.63 -2.88 -7.38
CA GLU A 54 -13.64 -3.02 -6.32
C GLU A 54 -13.59 -1.85 -5.31
N ASP A 55 -14.65 -1.66 -4.52
CA ASP A 55 -14.72 -0.61 -3.49
C ASP A 55 -14.02 -0.99 -2.18
N CYS A 56 -13.63 0.02 -1.40
CA CYS A 56 -12.93 -0.09 -0.13
C CYS A 56 -13.85 -0.39 1.08
N ARG A 57 -13.24 -0.66 2.23
CA ARG A 57 -13.91 -0.92 3.51
C ARG A 57 -14.72 0.30 3.96
N ARG A 58 -16.00 0.08 4.33
CA ARG A 58 -16.99 1.12 4.69
C ARG A 58 -18.09 0.58 5.61
N GLY A 59 -18.81 1.49 6.27
CA GLY A 59 -19.89 1.20 7.24
C GLY A 59 -19.40 0.54 8.52
ZN ZN B . 6.12 -5.09 4.14
ZN ZN C . -9.34 -0.22 -0.69
N THR A 8 13.21 9.18 -5.74
CA THR A 8 12.45 9.39 -4.49
C THR A 8 11.31 10.38 -4.70
N ASP A 9 10.32 10.38 -3.80
CA ASP A 9 9.16 11.30 -3.82
C ASP A 9 8.73 11.69 -2.39
N GLU A 10 7.97 12.77 -2.24
CA GLU A 10 7.59 13.39 -0.96
C GLU A 10 6.42 12.71 -0.22
N ALA A 11 6.04 11.52 -0.68
CA ALA A 11 5.06 10.63 -0.10
C ALA A 11 5.45 9.16 -0.35
N LEU A 12 5.54 8.38 0.73
CA LEU A 12 5.67 6.92 0.76
C LEU A 12 4.96 6.38 2.00
N LYS A 13 4.01 5.46 1.84
CA LYS A 13 3.20 4.92 2.95
C LYS A 13 3.87 3.70 3.62
N PRO A 14 3.65 3.48 4.94
CA PRO A 14 4.09 2.28 5.63
C PRO A 14 3.28 1.05 5.19
N CYS A 15 3.98 -0.05 4.97
CA CYS A 15 3.42 -1.37 4.70
C CYS A 15 2.48 -1.84 5.85
N PRO A 16 1.27 -2.30 5.55
CA PRO A 16 0.30 -2.77 6.54
C PRO A 16 0.71 -4.07 7.25
N ARG A 17 1.76 -4.77 6.77
CA ARG A 17 2.36 -5.94 7.43
C ARG A 17 3.54 -5.60 8.34
N CYS A 18 4.52 -4.83 7.84
CA CYS A 18 5.82 -4.62 8.47
C CYS A 18 6.25 -3.15 8.67
N GLN A 19 5.39 -2.20 8.26
CA GLN A 19 5.52 -0.75 8.45
C GLN A 19 6.77 -0.08 7.81
N SER A 20 7.51 -0.79 6.95
CA SER A 20 8.58 -0.19 6.13
C SER A 20 7.97 0.64 4.98
N PRO A 21 8.65 1.68 4.47
CA PRO A 21 8.15 2.52 3.39
C PRO A 21 8.03 1.70 2.10
N ALA A 22 6.79 1.48 1.68
CA ALA A 22 6.43 0.81 0.46
C ALA A 22 6.52 1.77 -0.75
N LYS A 23 6.84 1.25 -1.94
CA LYS A 23 6.81 1.99 -3.20
C LYS A 23 5.38 2.43 -3.48
N TYR A 24 5.14 3.73 -3.38
CA TYR A 24 3.81 4.32 -3.45
C TYR A 24 3.41 4.61 -4.90
N GLN A 25 2.17 4.25 -5.26
CA GLN A 25 1.60 4.37 -6.60
C GLN A 25 0.26 5.11 -6.55
N PRO A 26 0.25 6.43 -6.26
CA PRO A 26 -0.99 7.21 -6.08
C PRO A 26 -1.86 7.27 -7.36
N HIS A 27 -1.25 7.14 -8.54
CA HIS A 27 -1.92 7.02 -9.84
C HIS A 27 -2.67 5.69 -10.05
N LYS A 28 -2.34 4.66 -9.24
CA LYS A 28 -2.98 3.33 -9.22
C LYS A 28 -3.62 2.96 -7.88
N LYS A 29 -3.62 3.89 -6.90
CA LYS A 29 -3.99 3.70 -5.49
C LYS A 29 -3.42 2.41 -4.88
N ARG A 30 -2.15 2.13 -5.19
CA ARG A 30 -1.44 0.88 -4.87
C ARG A 30 -0.15 1.17 -4.09
N GLY A 31 0.28 0.23 -3.26
CA GLY A 31 1.55 0.30 -2.54
C GLY A 31 2.22 -1.09 -2.47
N LEU A 32 3.53 -1.15 -2.76
CA LEU A 32 4.31 -2.39 -2.79
C LEU A 32 5.48 -2.37 -1.81
N CYS A 33 5.55 -3.35 -0.89
CA CYS A 33 6.55 -3.39 0.17
C CYS A 33 8.00 -3.46 -0.37
N SER A 34 8.90 -2.77 0.32
CA SER A 34 10.35 -2.75 0.04
C SER A 34 11.09 -3.98 0.60
N ARG A 35 10.54 -4.65 1.62
CA ARG A 35 11.12 -5.84 2.26
C ARG A 35 10.83 -7.10 1.43
N LEU A 36 11.87 -7.78 0.96
CA LEU A 36 11.75 -8.94 0.05
C LEU A 36 11.09 -10.17 0.71
N ALA A 37 11.27 -10.35 2.02
CA ALA A 37 10.62 -11.42 2.81
C ALA A 37 9.13 -11.16 3.10
N CYS A 38 8.67 -9.90 2.95
CA CYS A 38 7.29 -9.45 3.16
C CYS A 38 6.53 -9.40 1.82
N GLY A 39 7.05 -8.60 0.88
CA GLY A 39 6.61 -8.54 -0.53
C GLY A 39 5.09 -8.37 -0.70
N PHE A 40 4.52 -7.35 -0.05
CA PHE A 40 3.07 -7.16 0.08
C PHE A 40 2.53 -6.14 -0.92
N ASP A 41 1.24 -6.29 -1.26
CA ASP A 41 0.54 -5.52 -2.28
C ASP A 41 -0.80 -5.03 -1.73
N PHE A 42 -0.90 -3.73 -1.44
CA PHE A 42 -2.03 -3.17 -0.69
C PHE A 42 -2.71 -1.96 -1.34
N CYS A 43 -3.98 -1.78 -0.98
CA CYS A 43 -4.80 -0.61 -1.26
C CYS A 43 -4.41 0.54 -0.34
N VAL A 44 -4.06 1.69 -0.91
CA VAL A 44 -3.57 2.86 -0.15
C VAL A 44 -4.68 3.68 0.52
N LEU A 45 -5.94 3.31 0.32
CA LEU A 45 -7.09 3.95 0.97
C LEU A 45 -7.58 3.21 2.23
N CYS A 46 -7.56 1.86 2.23
CA CYS A 46 -8.07 1.01 3.33
C CYS A 46 -7.02 0.08 3.99
N LEU A 47 -5.78 0.10 3.50
CA LEU A 47 -4.61 -0.61 4.04
C LEU A 47 -4.83 -2.14 4.18
N CYS A 48 -5.62 -2.71 3.26
CA CYS A 48 -5.82 -4.16 3.11
C CYS A 48 -5.22 -4.64 1.78
N ALA A 49 -5.21 -5.95 1.54
CA ALA A 49 -4.72 -6.54 0.29
C ALA A 49 -5.40 -5.88 -0.94
N TYR A 50 -4.61 -5.53 -1.94
CA TYR A 50 -5.03 -4.70 -3.08
C TYR A 50 -6.23 -5.29 -3.84
N HIS A 51 -7.21 -4.43 -4.14
CA HIS A 51 -8.49 -4.80 -4.75
C HIS A 51 -8.80 -4.03 -6.06
N GLY A 52 -7.78 -3.46 -6.70
CA GLY A 52 -7.87 -2.86 -8.05
C GLY A 52 -8.94 -1.77 -8.17
N SER A 53 -9.90 -1.98 -9.07
CA SER A 53 -10.99 -1.03 -9.37
C SER A 53 -12.25 -1.19 -8.49
N GLU A 54 -12.26 -2.15 -7.55
CA GLU A 54 -13.38 -2.33 -6.60
C GLU A 54 -13.41 -1.28 -5.49
N ASP A 55 -14.51 -1.26 -4.74
CA ASP A 55 -14.72 -0.35 -3.60
C ASP A 55 -14.05 -0.87 -2.30
N CYS A 56 -13.56 0.06 -1.48
CA CYS A 56 -12.98 -0.22 -0.16
C CYS A 56 -14.02 -0.72 0.88
N ARG A 57 -13.50 -1.27 1.98
CA ARG A 57 -14.27 -1.87 3.09
C ARG A 57 -15.28 -0.89 3.70
N ARG A 58 -16.43 -1.41 4.13
CA ARG A 58 -17.57 -0.66 4.72
C ARG A 58 -17.88 -1.14 6.15
N GLY A 59 -18.58 -0.31 6.92
CA GLY A 59 -19.02 -0.59 8.31
C GLY A 59 -19.74 0.59 8.95
ZN ZN B . 6.14 -5.13 4.30
ZN ZN C . -9.34 -0.13 -0.57
N THR A 8 14.08 18.32 1.77
CA THR A 8 13.29 17.56 0.79
C THR A 8 12.14 16.80 1.46
N ASP A 9 11.11 16.43 0.68
CA ASP A 9 9.93 15.68 1.14
C ASP A 9 9.43 14.70 0.06
N GLU A 10 8.91 13.54 0.47
CA GLU A 10 8.43 12.47 -0.43
C GLU A 10 7.11 11.85 0.08
N ALA A 11 6.30 11.33 -0.84
CA ALA A 11 5.08 10.58 -0.57
C ALA A 11 5.37 9.07 -0.71
N LEU A 12 5.52 8.41 0.44
CA LEU A 12 5.69 6.96 0.58
C LEU A 12 5.02 6.51 1.89
N LYS A 13 4.12 5.52 1.81
CA LYS A 13 3.36 4.99 2.96
C LYS A 13 4.04 3.77 3.59
N PRO A 14 3.87 3.54 4.90
CA PRO A 14 4.35 2.33 5.56
C PRO A 14 3.54 1.09 5.17
N CYS A 15 4.23 -0.01 4.91
CA CYS A 15 3.68 -1.33 4.69
C CYS A 15 2.82 -1.80 5.88
N PRO A 16 1.59 -2.29 5.64
CA PRO A 16 0.67 -2.73 6.69
C PRO A 16 1.12 -4.03 7.41
N ARG A 17 2.13 -4.73 6.89
CA ARG A 17 2.75 -5.91 7.54
C ARG A 17 3.98 -5.55 8.39
N CYS A 18 4.92 -4.79 7.83
CA CYS A 18 6.25 -4.59 8.40
C CYS A 18 6.72 -3.12 8.53
N GLN A 19 5.86 -2.16 8.14
CA GLN A 19 6.05 -0.71 8.23
C GLN A 19 7.24 -0.14 7.42
N SER A 20 7.81 -0.92 6.49
CA SER A 20 8.80 -0.42 5.50
C SER A 20 8.18 0.66 4.60
N PRO A 21 8.94 1.65 4.11
CA PRO A 21 8.47 2.59 3.09
C PRO A 21 8.21 1.85 1.77
N ALA A 22 6.95 1.59 1.49
CA ALA A 22 6.49 0.89 0.30
C ALA A 22 6.48 1.81 -0.93
N LYS A 23 6.80 1.28 -2.12
CA LYS A 23 6.74 2.01 -3.38
C LYS A 23 5.30 2.44 -3.66
N TYR A 24 5.06 3.74 -3.56
CA TYR A 24 3.73 4.34 -3.60
C TYR A 24 3.28 4.59 -5.05
N GLN A 25 2.03 4.23 -5.34
CA GLN A 25 1.42 4.31 -6.67
C GLN A 25 0.07 5.05 -6.56
N PRO A 26 0.06 6.38 -6.31
CA PRO A 26 -1.16 7.16 -6.09
C PRO A 26 -2.12 7.17 -7.29
N HIS A 27 -1.58 7.03 -8.51
CA HIS A 27 -2.33 6.89 -9.76
C HIS A 27 -3.07 5.53 -9.90
N LYS A 28 -2.66 4.53 -9.12
CA LYS A 28 -3.27 3.18 -9.04
C LYS A 28 -3.85 2.85 -7.65
N LYS A 29 -3.79 3.80 -6.70
CA LYS A 29 -4.08 3.63 -5.27
C LYS A 29 -3.48 2.36 -4.65
N ARG A 30 -2.23 2.07 -5.02
CA ARG A 30 -1.50 0.83 -4.70
C ARG A 30 -0.19 1.14 -3.97
N GLY A 31 0.26 0.22 -3.12
CA GLY A 31 1.56 0.30 -2.45
C GLY A 31 2.23 -1.08 -2.40
N LEU A 32 3.52 -1.14 -2.74
CA LEU A 32 4.31 -2.38 -2.79
C LEU A 32 5.51 -2.34 -1.83
N CYS A 33 5.59 -3.31 -0.90
CA CYS A 33 6.63 -3.34 0.13
C CYS A 33 8.05 -3.42 -0.45
N SER A 34 9.00 -2.78 0.23
CA SER A 34 10.44 -2.78 -0.10
C SER A 34 11.21 -3.93 0.56
N ARG A 35 10.64 -4.63 1.54
CA ARG A 35 11.26 -5.76 2.25
C ARG A 35 11.01 -7.07 1.51
N LEU A 36 12.07 -7.75 1.08
CA LEU A 36 11.99 -8.95 0.22
C LEU A 36 11.40 -10.18 0.93
N ALA A 37 11.54 -10.26 2.26
CA ALA A 37 10.92 -11.29 3.10
C ALA A 37 9.40 -11.08 3.37
N CYS A 38 8.88 -9.89 3.01
CA CYS A 38 7.51 -9.43 3.25
C CYS A 38 6.70 -9.39 1.93
N GLY A 39 7.18 -8.59 0.96
CA GLY A 39 6.70 -8.55 -0.43
C GLY A 39 5.18 -8.40 -0.56
N PHE A 40 4.60 -7.35 0.04
CA PHE A 40 3.16 -7.17 0.20
C PHE A 40 2.58 -6.15 -0.80
N ASP A 41 1.30 -6.30 -1.11
CA ASP A 41 0.58 -5.54 -2.13
C ASP A 41 -0.76 -5.04 -1.53
N PHE A 42 -0.83 -3.75 -1.23
CA PHE A 42 -1.92 -3.16 -0.45
C PHE A 42 -2.63 -1.96 -1.08
N CYS A 43 -3.88 -1.78 -0.65
CA CYS A 43 -4.72 -0.62 -0.92
C CYS A 43 -4.30 0.56 -0.02
N VAL A 44 -3.98 1.70 -0.63
CA VAL A 44 -3.45 2.88 0.08
C VAL A 44 -4.52 3.71 0.80
N LEU A 45 -5.81 3.33 0.68
CA LEU A 45 -6.92 3.98 1.38
C LEU A 45 -7.33 3.26 2.68
N CYS A 46 -7.30 1.91 2.70
CA CYS A 46 -7.76 1.08 3.83
C CYS A 46 -6.70 0.15 4.46
N LEU A 47 -5.48 0.13 3.90
CA LEU A 47 -4.31 -0.61 4.38
C LEU A 47 -4.54 -2.13 4.51
N CYS A 48 -5.40 -2.68 3.66
CA CYS A 48 -5.64 -4.11 3.49
C CYS A 48 -5.05 -4.60 2.16
N ALA A 49 -5.07 -5.91 1.92
CA ALA A 49 -4.63 -6.50 0.65
C ALA A 49 -5.34 -5.85 -0.54
N TYR A 50 -4.59 -5.52 -1.59
CA TYR A 50 -5.03 -4.69 -2.71
C TYR A 50 -6.28 -5.25 -3.43
N HIS A 51 -7.24 -4.36 -3.71
CA HIS A 51 -8.54 -4.67 -4.33
C HIS A 51 -8.86 -3.82 -5.57
N GLY A 52 -7.83 -3.27 -6.23
CA GLY A 52 -7.96 -2.61 -7.54
C GLY A 52 -8.94 -1.43 -7.56
N SER A 53 -9.87 -1.46 -8.51
CA SER A 53 -10.91 -0.42 -8.71
C SER A 53 -12.18 -0.61 -7.86
N GLU A 54 -12.26 -1.67 -7.04
CA GLU A 54 -13.39 -1.88 -6.10
C GLU A 54 -13.33 -0.88 -4.93
N ASP A 55 -14.48 -0.59 -4.31
CA ASP A 55 -14.57 0.32 -3.14
C ASP A 55 -14.14 -0.35 -1.83
N CYS A 56 -13.49 0.41 -0.95
CA CYS A 56 -13.08 -0.03 0.39
C CYS A 56 -14.30 -0.27 1.31
N ARG A 57 -14.15 -1.23 2.23
CA ARG A 57 -15.19 -1.73 3.13
C ARG A 57 -14.61 -2.38 4.40
N ARG A 58 -15.41 -2.44 5.47
CA ARG A 58 -15.06 -3.02 6.79
C ARG A 58 -15.79 -4.34 7.12
N GLY A 59 -16.46 -4.93 6.12
CA GLY A 59 -17.21 -6.20 6.21
C GLY A 59 -17.78 -6.64 4.86
ZN ZN B . 6.42 -5.09 4.30
ZN ZN C . -9.21 -0.20 0.06
N THR A 8 7.14 16.64 5.23
CA THR A 8 8.02 15.70 4.50
C THR A 8 8.06 16.07 3.02
N ASP A 9 9.23 15.98 2.38
CA ASP A 9 9.44 16.40 0.97
C ASP A 9 9.11 15.32 -0.08
N GLU A 10 8.69 14.14 0.38
CA GLU A 10 8.31 12.96 -0.42
C GLU A 10 7.05 12.28 0.16
N ALA A 11 6.41 11.41 -0.62
CA ALA A 11 5.27 10.59 -0.22
C ALA A 11 5.59 9.10 -0.47
N LEU A 12 5.70 8.34 0.62
CA LEU A 12 5.80 6.88 0.65
C LEU A 12 5.10 6.37 1.93
N LYS A 13 4.11 5.49 1.80
CA LYS A 13 3.32 4.98 2.93
C LYS A 13 4.01 3.79 3.62
N PRO A 14 3.80 3.60 4.94
CA PRO A 14 4.24 2.40 5.65
C PRO A 14 3.40 1.19 5.25
N CYS A 15 4.10 0.09 4.95
CA CYS A 15 3.53 -1.23 4.69
C CYS A 15 2.66 -1.71 5.88
N PRO A 16 1.44 -2.21 5.62
CA PRO A 16 0.51 -2.66 6.67
C PRO A 16 0.97 -3.94 7.38
N ARG A 17 2.02 -4.62 6.90
CA ARG A 17 2.66 -5.78 7.56
C ARG A 17 3.87 -5.40 8.42
N CYS A 18 4.82 -4.64 7.87
CA CYS A 18 6.14 -4.40 8.47
C CYS A 18 6.50 -2.91 8.67
N GLN A 19 5.61 -2.00 8.26
CA GLN A 19 5.75 -0.54 8.35
C GLN A 19 6.94 0.06 7.57
N SER A 20 7.57 -0.73 6.69
CA SER A 20 8.61 -0.26 5.76
C SER A 20 8.05 0.72 4.72
N PRO A 21 8.83 1.69 4.21
CA PRO A 21 8.39 2.58 3.14
C PRO A 21 8.18 1.78 1.84
N ALA A 22 6.91 1.60 1.49
CA ALA A 22 6.48 0.89 0.30
C ALA A 22 6.48 1.82 -0.94
N LYS A 23 6.77 1.27 -2.12
CA LYS A 23 6.71 1.98 -3.42
C LYS A 23 5.28 2.46 -3.66
N TYR A 24 5.06 3.76 -3.55
CA TYR A 24 3.74 4.37 -3.55
C TYR A 24 3.25 4.66 -4.97
N GLN A 25 2.00 4.30 -5.26
CA GLN A 25 1.38 4.42 -6.57
C GLN A 25 0.02 5.16 -6.43
N PRO A 26 0.02 6.48 -6.14
CA PRO A 26 -1.20 7.25 -5.85
C PRO A 26 -2.20 7.32 -7.01
N HIS A 27 -1.72 7.17 -8.25
CA HIS A 27 -2.51 7.08 -9.49
C HIS A 27 -3.23 5.74 -9.67
N LYS A 28 -2.74 4.68 -9.01
CA LYS A 28 -3.32 3.32 -8.98
C LYS A 28 -3.90 2.93 -7.60
N LYS A 29 -3.83 3.84 -6.62
CA LYS A 29 -4.12 3.65 -5.18
C LYS A 29 -3.51 2.37 -4.60
N ARG A 30 -2.26 2.10 -5.02
CA ARG A 30 -1.52 0.86 -4.72
C ARG A 30 -0.21 1.17 -3.99
N GLY A 31 0.24 0.24 -3.15
CA GLY A 31 1.54 0.33 -2.48
C GLY A 31 2.21 -1.05 -2.41
N LEU A 32 3.50 -1.13 -2.76
CA LEU A 32 4.28 -2.37 -2.81
C LEU A 32 5.47 -2.34 -1.85
N CYS A 33 5.56 -3.31 -0.95
CA CYS A 33 6.58 -3.37 0.09
C CYS A 33 8.02 -3.46 -0.49
N SER A 34 8.96 -2.81 0.19
CA SER A 34 10.40 -2.84 -0.12
C SER A 34 11.12 -4.04 0.51
N ARG A 35 10.56 -4.65 1.56
CA ARG A 35 11.14 -5.79 2.30
C ARG A 35 10.88 -7.10 1.57
N LEU A 36 11.94 -7.80 1.15
CA LEU A 36 11.85 -9.00 0.31
C LEU A 36 11.22 -10.21 1.02
N ALA A 37 11.35 -10.31 2.34
CA ALA A 37 10.70 -11.34 3.17
C ALA A 37 9.20 -11.08 3.42
N CYS A 38 8.74 -9.83 3.23
CA CYS A 38 7.37 -9.37 3.43
C CYS A 38 6.58 -9.37 2.11
N GLY A 39 7.08 -8.63 1.11
CA GLY A 39 6.61 -8.62 -0.28
C GLY A 39 5.09 -8.47 -0.43
N PHE A 40 4.53 -7.36 0.07
CA PHE A 40 3.09 -7.14 0.22
C PHE A 40 2.55 -6.13 -0.80
N ASP A 41 1.27 -6.27 -1.12
CA ASP A 41 0.56 -5.51 -2.14
C ASP A 41 -0.77 -5.01 -1.56
N PHE A 42 -0.85 -3.70 -1.26
CA PHE A 42 -1.95 -3.13 -0.48
C PHE A 42 -2.66 -1.93 -1.13
N CYS A 43 -3.91 -1.76 -0.72
CA CYS A 43 -4.73 -0.59 -1.00
C CYS A 43 -4.31 0.57 -0.08
N VAL A 44 -3.93 1.71 -0.66
CA VAL A 44 -3.44 2.87 0.10
C VAL A 44 -4.55 3.68 0.77
N LEU A 45 -5.82 3.30 0.56
CA LEU A 45 -7.00 3.97 1.12
C LEU A 45 -7.56 3.27 2.37
N CYS A 46 -7.45 1.93 2.45
CA CYS A 46 -7.94 1.12 3.58
C CYS A 46 -6.90 0.19 4.25
N LEU A 47 -5.66 0.18 3.74
CA LEU A 47 -4.50 -0.57 4.28
C LEU A 47 -4.72 -2.08 4.43
N CYS A 48 -5.55 -2.65 3.55
CA CYS A 48 -5.76 -4.08 3.38
C CYS A 48 -5.11 -4.58 2.08
N ALA A 49 -5.11 -5.89 1.85
CA ALA A 49 -4.63 -6.48 0.59
C ALA A 49 -5.35 -5.83 -0.62
N TYR A 50 -4.58 -5.49 -1.65
CA TYR A 50 -5.03 -4.67 -2.78
C TYR A 50 -6.25 -5.26 -3.50
N HIS A 51 -7.24 -4.39 -3.79
CA HIS A 51 -8.53 -4.77 -4.37
C HIS A 51 -8.88 -3.99 -5.67
N GLY A 52 -7.87 -3.43 -6.35
CA GLY A 52 -8.00 -2.83 -7.68
C GLY A 52 -9.09 -1.74 -7.76
N SER A 53 -10.02 -1.90 -8.72
CA SER A 53 -11.12 -0.96 -9.00
C SER A 53 -12.35 -1.15 -8.10
N GLU A 54 -12.36 -2.14 -7.20
CA GLU A 54 -13.47 -2.35 -6.24
C GLU A 54 -13.44 -1.31 -5.10
N ASP A 55 -14.56 -1.14 -4.40
CA ASP A 55 -14.69 -0.26 -3.23
C ASP A 55 -14.02 -0.84 -1.96
N CYS A 56 -13.55 0.04 -1.07
CA CYS A 56 -12.88 -0.33 0.17
C CYS A 56 -13.80 -1.05 1.17
N ARG A 57 -13.16 -1.74 2.12
CA ARG A 57 -13.75 -2.73 3.05
C ARG A 57 -14.50 -2.14 4.26
N ARG A 58 -15.03 -0.91 4.13
CA ARG A 58 -15.86 -0.18 5.10
C ARG A 58 -15.27 -0.12 6.53
N GLY A 59 -13.96 0.16 6.60
CA GLY A 59 -13.19 0.30 7.85
C GLY A 59 -13.63 1.48 8.73
ZN ZN B . 6.28 -4.98 4.29
ZN ZN C . -9.25 -0.09 -0.17
N THR A 8 9.75 15.37 3.76
CA THR A 8 10.11 16.74 3.30
C THR A 8 9.10 17.28 2.30
N ASP A 9 8.99 16.68 1.11
CA ASP A 9 8.09 17.13 0.01
C ASP A 9 7.49 15.96 -0.81
N GLU A 10 7.77 14.72 -0.40
CA GLU A 10 7.36 13.46 -1.04
C GLU A 10 6.27 12.71 -0.23
N ALA A 11 5.75 11.61 -0.79
CA ALA A 11 4.79 10.71 -0.17
C ALA A 11 5.20 9.25 -0.42
N LEU A 12 5.33 8.50 0.67
CA LEU A 12 5.50 7.05 0.74
C LEU A 12 4.81 6.54 2.02
N LYS A 13 3.98 5.50 1.89
CA LYS A 13 3.17 4.95 2.99
C LYS A 13 3.80 3.70 3.63
N PRO A 14 3.56 3.43 4.92
CA PRO A 14 4.00 2.22 5.59
C PRO A 14 3.21 1.00 5.12
N CYS A 15 3.94 -0.10 4.89
CA CYS A 15 3.40 -1.43 4.63
C CYS A 15 2.49 -1.91 5.77
N PRO A 16 1.28 -2.41 5.48
CA PRO A 16 0.32 -2.89 6.48
C PRO A 16 0.77 -4.20 7.17
N ARG A 17 1.83 -4.86 6.68
CA ARG A 17 2.45 -6.04 7.34
C ARG A 17 3.64 -5.68 8.23
N CYS A 18 4.61 -4.91 7.71
CA CYS A 18 5.92 -4.69 8.33
C CYS A 18 6.32 -3.21 8.53
N GLN A 19 5.44 -2.28 8.15
CA GLN A 19 5.54 -0.82 8.37
C GLN A 19 6.74 -0.12 7.71
N SER A 20 7.50 -0.79 6.84
CA SER A 20 8.52 -0.15 6.00
C SER A 20 7.89 0.71 4.89
N PRO A 21 8.57 1.76 4.40
CA PRO A 21 8.08 2.61 3.31
C PRO A 21 7.96 1.79 2.02
N ALA A 22 6.72 1.57 1.61
CA ALA A 22 6.35 0.89 0.37
C ALA A 22 6.41 1.86 -0.83
N LYS A 23 6.71 1.34 -2.02
CA LYS A 23 6.65 2.08 -3.29
C LYS A 23 5.22 2.52 -3.55
N TYR A 24 4.96 3.80 -3.39
CA TYR A 24 3.61 4.38 -3.44
C TYR A 24 3.20 4.69 -4.88
N GLN A 25 1.96 4.32 -5.24
CA GLN A 25 1.41 4.43 -6.58
C GLN A 25 0.05 5.17 -6.53
N PRO A 26 0.02 6.49 -6.25
CA PRO A 26 -1.21 7.26 -6.07
C PRO A 26 -2.11 7.28 -7.31
N HIS A 27 -1.52 7.17 -8.51
CA HIS A 27 -2.22 7.04 -9.80
C HIS A 27 -2.93 5.70 -10.00
N LYS A 28 -2.57 4.67 -9.21
CA LYS A 28 -3.17 3.31 -9.20
C LYS A 28 -3.80 2.94 -7.86
N LYS A 29 -3.79 3.86 -6.88
CA LYS A 29 -4.16 3.66 -5.46
C LYS A 29 -3.57 2.37 -4.85
N ARG A 30 -2.30 2.11 -5.18
CA ARG A 30 -1.57 0.88 -4.87
C ARG A 30 -0.28 1.18 -4.09
N GLY A 31 0.18 0.25 -3.27
CA GLY A 31 1.47 0.32 -2.57
C GLY A 31 2.14 -1.05 -2.53
N LEU A 32 3.45 -1.09 -2.85
CA LEU A 32 4.25 -2.32 -2.90
C LEU A 32 5.42 -2.29 -1.91
N CYS A 33 5.51 -3.29 -1.02
CA CYS A 33 6.51 -3.33 0.03
C CYS A 33 7.97 -3.38 -0.50
N SER A 34 8.88 -2.76 0.25
CA SER A 34 10.32 -2.73 -0.01
C SER A 34 11.07 -3.95 0.59
N ARG A 35 10.49 -4.61 1.61
CA ARG A 35 11.09 -5.76 2.32
C ARG A 35 10.85 -7.05 1.52
N LEU A 36 11.93 -7.73 1.11
CA LEU A 36 11.89 -8.91 0.25
C LEU A 36 11.28 -10.16 0.92
N ALA A 37 11.38 -10.24 2.26
CA ALA A 37 10.75 -11.29 3.07
C ALA A 37 9.23 -11.08 3.29
N CYS A 38 8.69 -9.93 2.89
CA CYS A 38 7.31 -9.48 3.08
C CYS A 38 6.56 -9.42 1.73
N GLY A 39 7.08 -8.59 0.80
CA GLY A 39 6.66 -8.52 -0.60
C GLY A 39 5.14 -8.37 -0.80
N PHE A 40 4.55 -7.35 -0.17
CA PHE A 40 3.11 -7.17 -0.04
C PHE A 40 2.55 -6.15 -1.03
N ASP A 41 1.27 -6.30 -1.37
CA ASP A 41 0.55 -5.52 -2.38
C ASP A 41 -0.80 -5.07 -1.82
N PHE A 42 -0.92 -3.78 -1.50
CA PHE A 42 -2.05 -3.25 -0.73
C PHE A 42 -2.77 -2.04 -1.35
N CYS A 43 -4.03 -1.89 -0.96
CA CYS A 43 -4.87 -0.74 -1.21
C CYS A 43 -4.48 0.42 -0.27
N VAL A 44 -4.17 1.58 -0.84
CA VAL A 44 -3.69 2.75 -0.08
C VAL A 44 -4.81 3.53 0.62
N LEU A 45 -6.09 3.17 0.39
CA LEU A 45 -7.24 3.77 1.06
C LEU A 45 -7.70 2.99 2.30
N CYS A 46 -7.65 1.65 2.28
CA CYS A 46 -8.17 0.78 3.34
C CYS A 46 -7.15 -0.19 3.98
N LEU A 47 -5.91 -0.16 3.52
CA LEU A 47 -4.73 -0.85 4.07
C LEU A 47 -4.89 -2.38 4.21
N CYS A 48 -5.64 -2.98 3.27
CA CYS A 48 -5.76 -4.43 3.10
C CYS A 48 -5.17 -4.85 1.74
N ALA A 49 -5.13 -6.16 1.47
CA ALA A 49 -4.65 -6.69 0.20
C ALA A 49 -5.36 -6.03 -1.00
N TYR A 50 -4.57 -5.63 -2.01
CA TYR A 50 -5.03 -4.79 -3.12
C TYR A 50 -6.21 -5.37 -3.89
N HIS A 51 -7.21 -4.53 -4.17
CA HIS A 51 -8.49 -4.91 -4.79
C HIS A 51 -8.81 -4.14 -6.09
N GLY A 52 -7.81 -3.53 -6.72
CA GLY A 52 -7.90 -2.93 -8.06
C GLY A 52 -9.03 -1.90 -8.20
N SER A 53 -9.92 -2.12 -9.18
CA SER A 53 -11.04 -1.22 -9.52
C SER A 53 -12.29 -1.42 -8.66
N GLU A 54 -12.32 -2.40 -7.75
CA GLU A 54 -13.43 -2.61 -6.80
C GLU A 54 -13.40 -1.58 -5.66
N ASP A 55 -14.55 -1.37 -4.99
CA ASP A 55 -14.65 -0.47 -3.82
C ASP A 55 -14.05 -1.09 -2.54
N CYS A 56 -13.70 -0.23 -1.58
CA CYS A 56 -13.09 -0.58 -0.30
C CYS A 56 -14.07 -1.27 0.68
N ARG A 57 -13.50 -1.91 1.72
CA ARG A 57 -14.20 -2.67 2.75
C ARG A 57 -15.21 -1.84 3.56
N ARG A 58 -16.29 -2.50 4.01
CA ARG A 58 -17.38 -1.92 4.83
C ARG A 58 -17.17 -2.22 6.32
N GLY A 59 -17.58 -1.28 7.19
CA GLY A 59 -17.52 -1.40 8.66
C GLY A 59 -18.49 -2.44 9.24
ZN ZN B . 6.16 -5.15 4.15
ZN ZN C . -9.42 -0.36 -0.48
N THR A 8 10.46 18.83 2.19
CA THR A 8 10.00 17.50 1.71
C THR A 8 9.02 17.67 0.55
N ASP A 9 9.27 16.97 -0.55
CA ASP A 9 8.57 17.14 -1.84
C ASP A 9 8.10 15.79 -2.45
N GLU A 10 7.92 14.78 -1.60
CA GLU A 10 7.58 13.39 -1.95
C GLU A 10 6.59 12.75 -0.96
N ALA A 11 6.10 11.55 -1.28
CA ALA A 11 5.20 10.74 -0.47
C ALA A 11 5.51 9.26 -0.67
N LEU A 12 5.56 8.53 0.44
CA LEU A 12 5.62 7.07 0.54
C LEU A 12 4.87 6.63 1.81
N LYS A 13 3.95 5.67 1.68
CA LYS A 13 3.18 5.12 2.81
C LYS A 13 3.88 3.93 3.49
N PRO A 14 3.66 3.70 4.79
CA PRO A 14 4.12 2.51 5.48
C PRO A 14 3.29 1.28 5.07
N CYS A 15 3.97 0.16 4.84
CA CYS A 15 3.41 -1.16 4.60
C CYS A 15 2.51 -1.63 5.77
N PRO A 16 1.31 -2.14 5.50
CA PRO A 16 0.36 -2.60 6.53
C PRO A 16 0.82 -3.88 7.25
N ARG A 17 1.87 -4.58 6.76
CA ARG A 17 2.49 -5.74 7.43
C ARG A 17 3.66 -5.36 8.34
N CYS A 18 4.62 -4.59 7.82
CA CYS A 18 5.92 -4.34 8.46
C CYS A 18 6.29 -2.85 8.66
N GLN A 19 5.43 -1.94 8.20
CA GLN A 19 5.60 -0.48 8.27
C GLN A 19 6.84 0.07 7.53
N SER A 20 7.47 -0.74 6.66
CA SER A 20 8.53 -0.29 5.74
C SER A 20 7.97 0.70 4.72
N PRO A 21 8.75 1.67 4.21
CA PRO A 21 8.33 2.57 3.14
C PRO A 21 8.09 1.78 1.85
N ALA A 22 6.83 1.66 1.48
CA ALA A 22 6.37 0.97 0.27
C ALA A 22 6.40 1.91 -0.95
N LYS A 23 6.71 1.37 -2.14
CA LYS A 23 6.67 2.10 -3.41
C LYS A 23 5.23 2.54 -3.67
N TYR A 24 4.99 3.85 -3.56
CA TYR A 24 3.66 4.43 -3.56
C TYR A 24 3.19 4.74 -4.98
N GLN A 25 1.95 4.35 -5.29
CA GLN A 25 1.33 4.49 -6.61
C GLN A 25 -0.04 5.18 -6.48
N PRO A 26 -0.09 6.48 -6.13
CA PRO A 26 -1.34 7.22 -5.85
C PRO A 26 -2.29 7.32 -7.04
N HIS A 27 -1.77 7.23 -8.27
CA HIS A 27 -2.53 7.16 -9.53
C HIS A 27 -3.21 5.80 -9.77
N LYS A 28 -2.73 4.74 -9.11
CA LYS A 28 -3.30 3.37 -9.12
C LYS A 28 -3.90 2.95 -7.76
N LYS A 29 -3.87 3.86 -6.78
CA LYS A 29 -4.20 3.64 -5.35
C LYS A 29 -3.56 2.37 -4.77
N ARG A 30 -2.30 2.11 -5.16
CA ARG A 30 -1.55 0.89 -4.85
C ARG A 30 -0.26 1.21 -4.09
N GLY A 31 0.19 0.29 -3.25
CA GLY A 31 1.47 0.38 -2.56
C GLY A 31 2.15 -0.99 -2.50
N LEU A 32 3.46 -1.05 -2.81
CA LEU A 32 4.26 -2.27 -2.84
C LEU A 32 5.44 -2.24 -1.86
N CYS A 33 5.51 -3.20 -0.94
CA CYS A 33 6.54 -3.24 0.10
C CYS A 33 7.96 -3.35 -0.50
N SER A 34 8.91 -2.64 0.11
CA SER A 34 10.33 -2.65 -0.26
C SER A 34 11.10 -3.84 0.36
N ARG A 35 10.57 -4.44 1.43
CA ARG A 35 11.19 -5.55 2.17
C ARG A 35 10.92 -6.89 1.48
N LEU A 36 11.98 -7.59 1.05
CA LEU A 36 11.88 -8.83 0.26
C LEU A 36 11.31 -10.02 1.05
N ALA A 37 11.46 -10.02 2.38
CA ALA A 37 10.85 -11.01 3.28
C ALA A 37 9.34 -10.79 3.52
N CYS A 38 8.79 -9.65 3.07
CA CYS A 38 7.41 -9.20 3.27
C CYS A 38 6.62 -9.20 1.94
N GLY A 39 7.11 -8.42 0.96
CA GLY A 39 6.65 -8.40 -0.43
C GLY A 39 5.13 -8.27 -0.60
N PHE A 40 4.53 -7.23 -0.02
CA PHE A 40 3.09 -7.07 0.12
C PHE A 40 2.53 -6.06 -0.90
N ASP A 41 1.26 -6.24 -1.26
CA ASP A 41 0.55 -5.47 -2.29
C ASP A 41 -0.79 -5.00 -1.73
N PHE A 42 -0.89 -3.69 -1.42
CA PHE A 42 -2.01 -3.13 -0.67
C PHE A 42 -2.71 -1.94 -1.32
N CYS A 43 -3.97 -1.78 -0.94
CA CYS A 43 -4.82 -0.63 -1.22
C CYS A 43 -4.43 0.52 -0.28
N VAL A 44 -4.07 1.67 -0.85
CA VAL A 44 -3.59 2.83 -0.08
C VAL A 44 -4.72 3.64 0.58
N LEU A 45 -5.98 3.25 0.36
CA LEU A 45 -7.17 3.91 0.92
C LEU A 45 -7.73 3.19 2.16
N CYS A 46 -7.60 1.86 2.25
CA CYS A 46 -8.07 1.04 3.38
C CYS A 46 -7.01 0.14 4.05
N LEU A 47 -5.77 0.15 3.54
CA LEU A 47 -4.60 -0.57 4.08
C LEU A 47 -4.81 -2.09 4.22
N CYS A 48 -5.62 -2.66 3.31
CA CYS A 48 -5.85 -4.10 3.15
C CYS A 48 -5.19 -4.59 1.85
N ALA A 49 -5.18 -5.90 1.62
CA ALA A 49 -4.69 -6.49 0.37
C ALA A 49 -5.39 -5.85 -0.85
N TYR A 50 -4.60 -5.52 -1.88
CA TYR A 50 -5.04 -4.71 -3.01
C TYR A 50 -6.24 -5.29 -3.77
N HIS A 51 -7.21 -4.44 -4.07
CA HIS A 51 -8.49 -4.80 -4.70
C HIS A 51 -8.81 -4.00 -5.98
N GLY A 52 -7.79 -3.42 -6.63
CA GLY A 52 -7.90 -2.77 -7.94
C GLY A 52 -8.96 -1.65 -7.98
N SER A 53 -9.87 -1.75 -8.96
CA SER A 53 -10.94 -0.76 -9.20
C SER A 53 -12.19 -0.94 -8.32
N GLU A 54 -12.24 -1.95 -7.44
CA GLU A 54 -13.36 -2.17 -6.53
C GLU A 54 -13.40 -1.18 -5.36
N ASP A 55 -14.51 -1.16 -4.62
CA ASP A 55 -14.72 -0.31 -3.45
C ASP A 55 -14.12 -0.92 -2.17
N CYS A 56 -13.57 -0.05 -1.29
CA CYS A 56 -13.04 -0.42 0.01
C CYS A 56 -14.13 -0.88 0.99
N ARG A 57 -13.74 -1.74 1.95
CA ARG A 57 -14.62 -2.23 3.04
C ARG A 57 -14.72 -1.24 4.22
N ARG A 58 -15.78 -1.38 5.02
CA ARG A 58 -16.03 -0.57 6.23
C ARG A 58 -15.03 -0.90 7.35
N GLY A 59 -14.57 0.13 8.07
CA GLY A 59 -13.65 0.03 9.22
C GLY A 59 -14.32 -0.55 10.47
ZN ZN B . 6.21 -4.88 4.27
ZN ZN C . -9.35 -0.25 -0.39
N THR A 8 12.53 9.70 -0.37
CA THR A 8 12.81 10.10 -1.78
C THR A 8 11.74 11.06 -2.28
N ASP A 9 10.52 10.58 -2.58
CA ASP A 9 9.36 11.42 -2.93
C ASP A 9 8.64 11.95 -1.66
N GLU A 10 7.80 12.98 -1.82
CA GLU A 10 7.13 13.70 -0.71
C GLU A 10 5.89 12.99 -0.14
N ALA A 11 5.65 11.76 -0.58
CA ALA A 11 4.66 10.83 -0.05
C ALA A 11 5.11 9.38 -0.25
N LEU A 12 5.18 8.62 0.83
CA LEU A 12 5.36 7.16 0.90
C LEU A 12 4.63 6.66 2.15
N LYS A 13 3.89 5.55 2.03
CA LYS A 13 3.09 4.97 3.12
C LYS A 13 3.78 3.74 3.75
N PRO A 14 3.52 3.46 5.04
CA PRO A 14 3.95 2.25 5.70
C PRO A 14 3.15 1.03 5.22
N CYS A 15 3.86 -0.07 4.98
CA CYS A 15 3.31 -1.38 4.70
C CYS A 15 2.38 -1.87 5.84
N PRO A 16 1.18 -2.37 5.52
CA PRO A 16 0.20 -2.85 6.50
C PRO A 16 0.65 -4.11 7.28
N ARG A 17 1.76 -4.74 6.88
CA ARG A 17 2.33 -5.93 7.53
C ARG A 17 3.57 -5.65 8.37
N CYS A 18 4.53 -4.88 7.85
CA CYS A 18 5.84 -4.65 8.48
C CYS A 18 6.20 -3.15 8.69
N GLN A 19 5.32 -2.24 8.27
CA GLN A 19 5.45 -0.78 8.39
C GLN A 19 6.67 -0.18 7.65
N SER A 20 7.33 -0.95 6.78
CA SER A 20 8.39 -0.45 5.88
C SER A 20 7.83 0.57 4.88
N PRO A 21 8.61 1.58 4.42
CA PRO A 21 8.19 2.50 3.37
C PRO A 21 7.98 1.74 2.05
N ALA A 22 6.73 1.63 1.64
CA ALA A 22 6.31 1.00 0.41
C ALA A 22 6.40 1.96 -0.78
N LYS A 23 6.72 1.43 -1.98
CA LYS A 23 6.67 2.17 -3.25
C LYS A 23 5.24 2.60 -3.51
N TYR A 24 4.98 3.90 -3.38
CA TYR A 24 3.64 4.46 -3.41
C TYR A 24 3.20 4.77 -4.86
N GLN A 25 1.98 4.36 -5.23
CA GLN A 25 1.42 4.50 -6.57
C GLN A 25 0.05 5.23 -6.50
N PRO A 26 0.02 6.54 -6.16
CA PRO A 26 -1.22 7.30 -5.92
C PRO A 26 -2.16 7.39 -7.13
N HIS A 27 -1.62 7.28 -8.35
CA HIS A 27 -2.36 7.22 -9.61
C HIS A 27 -3.08 5.89 -9.85
N LYS A 28 -2.61 4.81 -9.22
CA LYS A 28 -3.19 3.44 -9.27
C LYS A 28 -3.87 3.02 -7.96
N LYS A 29 -3.72 3.82 -6.89
CA LYS A 29 -4.11 3.51 -5.50
C LYS A 29 -3.50 2.18 -4.99
N ARG A 30 -2.23 1.96 -5.34
CA ARG A 30 -1.47 0.74 -5.04
C ARG A 30 -0.23 1.08 -4.21
N GLY A 31 0.20 0.15 -3.36
CA GLY A 31 1.44 0.28 -2.58
C GLY A 31 2.17 -1.07 -2.51
N LEU A 32 3.48 -1.07 -2.81
CA LEU A 32 4.32 -2.27 -2.82
C LEU A 32 5.45 -2.18 -1.80
N CYS A 33 5.51 -3.12 -0.85
CA CYS A 33 6.53 -3.14 0.19
C CYS A 33 7.96 -3.24 -0.39
N SER A 34 8.88 -2.43 0.14
CA SER A 34 10.28 -2.39 -0.28
C SER A 34 11.12 -3.53 0.33
N ARG A 35 10.65 -4.14 1.43
CA ARG A 35 11.32 -5.26 2.11
C ARG A 35 11.11 -6.57 1.36
N LEU A 36 12.19 -7.19 0.89
CA LEU A 36 12.15 -8.37 0.03
C LEU A 36 11.65 -9.65 0.75
N ALA A 37 11.78 -9.70 2.08
CA ALA A 37 11.22 -10.77 2.92
C ALA A 37 9.68 -10.65 3.13
N CYS A 38 9.07 -9.53 2.71
CA CYS A 38 7.66 -9.18 2.87
C CYS A 38 6.94 -9.10 1.52
N GLY A 39 7.36 -8.16 0.66
CA GLY A 39 6.94 -8.05 -0.75
C GLY A 39 5.41 -7.99 -0.94
N PHE A 40 4.73 -7.17 -0.15
CA PHE A 40 3.27 -7.15 -0.04
C PHE A 40 2.64 -6.11 -0.98
N ASP A 41 1.43 -6.39 -1.44
CA ASP A 41 0.70 -5.61 -2.44
C ASP A 41 -0.66 -5.18 -1.87
N PHE A 42 -0.80 -3.90 -1.53
CA PHE A 42 -1.94 -3.38 -0.77
C PHE A 42 -2.64 -2.18 -1.41
N CYS A 43 -3.92 -2.03 -1.04
CA CYS A 43 -4.75 -0.87 -1.32
C CYS A 43 -4.39 0.27 -0.36
N VAL A 44 -4.01 1.42 -0.92
CA VAL A 44 -3.54 2.58 -0.14
C VAL A 44 -4.66 3.35 0.56
N LEU A 45 -5.92 3.04 0.23
CA LEU A 45 -7.11 3.71 0.78
C LEU A 45 -7.69 2.98 2.01
N CYS A 46 -7.58 1.65 2.08
CA CYS A 46 -8.14 0.82 3.15
C CYS A 46 -7.18 -0.20 3.80
N LEU A 47 -5.92 -0.22 3.36
CA LEU A 47 -4.79 -0.97 3.95
C LEU A 47 -5.00 -2.50 4.06
N CYS A 48 -5.76 -3.06 3.12
CA CYS A 48 -5.91 -4.51 2.90
C CYS A 48 -5.17 -4.93 1.63
N ALA A 49 -5.11 -6.25 1.35
CA ALA A 49 -4.58 -6.77 0.10
C ALA A 49 -5.23 -6.10 -1.12
N TYR A 50 -4.43 -5.72 -2.11
CA TYR A 50 -4.84 -4.87 -3.23
C TYR A 50 -5.98 -5.50 -4.05
N HIS A 51 -7.02 -4.70 -4.30
CA HIS A 51 -8.31 -5.14 -4.86
C HIS A 51 -8.71 -4.39 -6.16
N GLY A 52 -7.75 -3.73 -6.81
CA GLY A 52 -7.91 -3.11 -8.14
C GLY A 52 -9.09 -2.13 -8.23
N SER A 53 -10.04 -2.44 -9.12
CA SER A 53 -11.24 -1.62 -9.41
C SER A 53 -12.43 -1.89 -8.47
N GLU A 54 -12.36 -2.86 -7.55
CA GLU A 54 -13.38 -3.13 -6.55
C GLU A 54 -13.45 -2.03 -5.47
N ASP A 55 -14.57 -1.93 -4.74
CA ASP A 55 -14.77 -0.91 -3.69
C ASP A 55 -14.07 -1.26 -2.36
N CYS A 56 -13.55 -0.25 -1.67
CA CYS A 56 -12.93 -0.35 -0.34
C CYS A 56 -13.95 -0.62 0.79
N ARG A 57 -13.45 -1.10 1.93
CA ARG A 57 -14.20 -1.22 3.20
C ARG A 57 -14.47 0.15 3.85
N ARG A 58 -15.51 0.22 4.69
CA ARG A 58 -15.81 1.38 5.54
C ARG A 58 -14.97 1.40 6.82
N GLY A 59 -14.79 2.59 7.41
CA GLY A 59 -14.06 2.82 8.68
C GLY A 59 -14.79 2.27 9.90
ZN ZN B . 6.21 -5.05 4.30
ZN ZN C . -9.31 -0.41 -0.77
N THR A 8 10.09 15.03 3.95
CA THR A 8 10.57 16.38 3.55
C THR A 8 9.69 16.98 2.45
N ASP A 9 9.67 16.39 1.24
CA ASP A 9 8.90 16.87 0.08
C ASP A 9 8.30 15.74 -0.80
N GLU A 10 8.52 14.48 -0.40
CA GLU A 10 8.06 13.26 -1.06
C GLU A 10 6.82 12.63 -0.40
N ALA A 11 6.25 11.58 -1.02
CA ALA A 11 5.18 10.76 -0.47
C ALA A 11 5.53 9.27 -0.64
N LEU A 12 5.67 8.57 0.48
CA LEU A 12 5.81 7.12 0.61
C LEU A 12 5.13 6.69 1.92
N LYS A 13 4.35 5.61 1.87
CA LYS A 13 3.57 5.09 3.01
C LYS A 13 4.23 3.86 3.66
N PRO A 14 4.01 3.63 4.96
CA PRO A 14 4.45 2.42 5.65
C PRO A 14 3.62 1.21 5.21
N CYS A 15 4.30 0.10 4.97
CA CYS A 15 3.73 -1.22 4.74
C CYS A 15 2.85 -1.68 5.93
N PRO A 16 1.62 -2.16 5.69
CA PRO A 16 0.69 -2.61 6.73
C PRO A 16 1.17 -3.85 7.51
N ARG A 17 2.26 -4.51 7.07
CA ARG A 17 2.84 -5.70 7.71
C ARG A 17 4.12 -5.44 8.49
N CYS A 18 5.06 -4.68 7.91
CA CYS A 18 6.40 -4.44 8.49
C CYS A 18 6.76 -2.95 8.68
N GLN A 19 5.87 -2.03 8.27
CA GLN A 19 6.02 -0.57 8.35
C GLN A 19 7.23 -0.01 7.57
N SER A 20 7.84 -0.80 6.68
CA SER A 20 8.87 -0.33 5.73
C SER A 20 8.28 0.68 4.73
N PRO A 21 9.06 1.65 4.21
CA PRO A 21 8.60 2.55 3.14
C PRO A 21 8.32 1.75 1.87
N ALA A 22 7.04 1.60 1.55
CA ALA A 22 6.55 0.94 0.36
C ALA A 22 6.57 1.89 -0.86
N LYS A 23 6.87 1.36 -2.05
CA LYS A 23 6.81 2.11 -3.32
C LYS A 23 5.36 2.53 -3.56
N TYR A 24 5.12 3.83 -3.46
CA TYR A 24 3.78 4.41 -3.48
C TYR A 24 3.32 4.69 -4.92
N GLN A 25 2.07 4.32 -5.22
CA GLN A 25 1.48 4.41 -6.56
C GLN A 25 0.13 5.17 -6.48
N PRO A 26 0.12 6.49 -6.23
CA PRO A 26 -1.11 7.28 -6.04
C PRO A 26 -2.05 7.28 -7.25
N HIS A 27 -1.49 7.12 -8.47
CA HIS A 27 -2.21 6.97 -9.73
C HIS A 27 -2.94 5.62 -9.88
N LYS A 28 -2.57 4.61 -9.08
CA LYS A 28 -3.17 3.26 -9.02
C LYS A 28 -3.78 2.92 -7.65
N LYS A 29 -3.72 3.87 -6.69
CA LYS A 29 -4.04 3.69 -5.25
C LYS A 29 -3.45 2.41 -4.65
N ARG A 30 -2.19 2.14 -5.01
CA ARG A 30 -1.46 0.90 -4.69
C ARG A 30 -0.15 1.20 -3.95
N GLY A 31 0.30 0.29 -3.12
CA GLY A 31 1.59 0.38 -2.42
C GLY A 31 2.27 -0.99 -2.36
N LEU A 32 3.56 -1.05 -2.71
CA LEU A 32 4.36 -2.28 -2.76
C LEU A 32 5.56 -2.24 -1.81
N CYS A 33 5.64 -3.18 -0.87
CA CYS A 33 6.71 -3.21 0.13
C CYS A 33 8.11 -3.33 -0.51
N SER A 34 9.07 -2.57 0.02
CA SER A 34 10.47 -2.56 -0.42
C SER A 34 11.28 -3.75 0.15
N ARG A 35 10.83 -4.35 1.25
CA ARG A 35 11.48 -5.48 1.92
C ARG A 35 11.20 -6.79 1.17
N LEU A 36 12.25 -7.45 0.66
CA LEU A 36 12.13 -8.66 -0.17
C LEU A 36 11.59 -9.88 0.58
N ALA A 37 11.79 -9.94 1.90
CA ALA A 37 11.22 -10.97 2.78
C ALA A 37 9.71 -10.79 3.07
N CYS A 38 9.17 -9.60 2.78
CA CYS A 38 7.79 -9.18 3.02
C CYS A 38 6.97 -9.15 1.71
N GLY A 39 7.38 -8.30 0.77
CA GLY A 39 6.89 -8.25 -0.62
C GLY A 39 5.36 -8.13 -0.74
N PHE A 40 4.75 -7.20 -0.01
CA PHE A 40 3.30 -7.09 0.17
C PHE A 40 2.69 -6.06 -0.79
N ASP A 41 1.41 -6.24 -1.11
CA ASP A 41 0.66 -5.48 -2.12
C ASP A 41 -0.67 -5.01 -1.52
N PHE A 42 -0.77 -3.71 -1.22
CA PHE A 42 -1.88 -3.14 -0.44
C PHE A 42 -2.58 -1.94 -1.08
N CYS A 43 -3.84 -1.76 -0.67
CA CYS A 43 -4.67 -0.60 -0.95
C CYS A 43 -4.26 0.57 -0.04
N VAL A 44 -3.94 1.72 -0.63
CA VAL A 44 -3.43 2.89 0.10
C VAL A 44 -4.51 3.69 0.84
N LEU A 45 -5.79 3.36 0.64
CA LEU A 45 -6.93 3.99 1.34
C LEU A 45 -7.33 3.26 2.63
N CYS A 46 -7.29 1.92 2.65
CA CYS A 46 -7.75 1.08 3.77
C CYS A 46 -6.69 0.15 4.40
N LEU A 47 -5.47 0.14 3.85
CA LEU A 47 -4.30 -0.60 4.34
C LEU A 47 -4.52 -2.12 4.48
N CYS A 48 -5.38 -2.67 3.62
CA CYS A 48 -5.61 -4.12 3.46
C CYS A 48 -4.99 -4.60 2.13
N ALA A 49 -4.98 -5.91 1.90
CA ALA A 49 -4.52 -6.49 0.63
C ALA A 49 -5.24 -5.85 -0.57
N TYR A 50 -4.49 -5.51 -1.61
CA TYR A 50 -4.96 -4.70 -2.74
C TYR A 50 -6.18 -5.31 -3.44
N HIS A 51 -7.23 -4.49 -3.65
CA HIS A 51 -8.53 -4.92 -4.18
C HIS A 51 -8.94 -4.23 -5.50
N GLY A 52 -7.96 -3.65 -6.22
CA GLY A 52 -8.12 -3.14 -7.58
C GLY A 52 -9.30 -2.18 -7.78
N SER A 53 -10.25 -2.57 -8.63
CA SER A 53 -11.42 -1.77 -9.01
C SER A 53 -12.59 -1.81 -7.99
N GLU A 54 -12.52 -2.63 -6.94
CA GLU A 54 -13.52 -2.65 -5.86
C GLU A 54 -13.40 -1.42 -4.94
N ASP A 55 -14.50 -1.02 -4.31
CA ASP A 55 -14.50 -0.02 -3.22
C ASP A 55 -14.01 -0.63 -1.90
N CYS A 56 -13.40 0.19 -1.03
CA CYS A 56 -12.94 -0.23 0.29
C CYS A 56 -14.09 -0.69 1.22
N ARG A 57 -13.75 -1.59 2.15
CA ARG A 57 -14.72 -2.33 2.99
C ARG A 57 -14.47 -2.13 4.50
N ARG A 58 -15.53 -2.26 5.30
CA ARG A 58 -15.50 -2.09 6.77
C ARG A 58 -14.82 -3.31 7.43
N GLY A 59 -13.81 -3.06 8.28
CA GLY A 59 -13.06 -4.09 9.03
C GLY A 59 -13.91 -4.86 10.05
ZN ZN B . 6.54 -4.94 4.30
ZN ZN C . -9.17 -0.19 -0.02
N THR A 8 11.62 16.96 -0.95
CA THR A 8 10.52 17.94 -0.81
C THR A 8 9.35 17.56 -1.71
N ASP A 9 8.11 17.85 -1.28
CA ASP A 9 6.85 17.61 -2.02
C ASP A 9 6.70 16.15 -2.50
N GLU A 10 6.76 15.22 -1.54
CA GLU A 10 6.79 13.77 -1.73
C GLU A 10 5.87 12.99 -0.77
N ALA A 11 5.61 11.72 -1.08
CA ALA A 11 4.78 10.81 -0.29
C ALA A 11 5.23 9.36 -0.51
N LEU A 12 5.36 8.62 0.58
CA LEU A 12 5.54 7.17 0.66
C LEU A 12 4.86 6.66 1.93
N LYS A 13 4.00 5.63 1.81
CA LYS A 13 3.25 5.05 2.94
C LYS A 13 3.99 3.86 3.58
N PRO A 14 3.81 3.61 4.88
CA PRO A 14 4.31 2.42 5.56
C PRO A 14 3.51 1.18 5.14
N CYS A 15 4.22 0.07 4.92
CA CYS A 15 3.67 -1.26 4.71
C CYS A 15 2.81 -1.73 5.90
N PRO A 16 1.60 -2.25 5.65
CA PRO A 16 0.66 -2.71 6.68
C PRO A 16 1.17 -3.94 7.46
N ARG A 17 2.27 -4.58 7.03
CA ARG A 17 2.86 -5.77 7.68
C ARG A 17 4.14 -5.47 8.47
N CYS A 18 5.05 -4.68 7.90
CA CYS A 18 6.39 -4.43 8.47
C CYS A 18 6.74 -2.93 8.64
N GLN A 19 5.83 -2.03 8.24
CA GLN A 19 5.96 -0.56 8.33
C GLN A 19 7.16 0.03 7.54
N SER A 20 7.79 -0.75 6.65
CA SER A 20 8.81 -0.28 5.71
C SER A 20 8.19 0.73 4.71
N PRO A 21 8.95 1.73 4.20
CA PRO A 21 8.47 2.61 3.15
C PRO A 21 8.23 1.82 1.86
N ALA A 22 6.96 1.69 1.51
CA ALA A 22 6.50 1.03 0.30
C ALA A 22 6.56 1.97 -0.91
N LYS A 23 6.85 1.42 -2.10
CA LYS A 23 6.76 2.13 -3.38
C LYS A 23 5.31 2.55 -3.61
N TYR A 24 5.05 3.84 -3.48
CA TYR A 24 3.69 4.40 -3.49
C TYR A 24 3.24 4.68 -4.92
N GLN A 25 2.01 4.27 -5.25
CA GLN A 25 1.43 4.37 -6.59
C GLN A 25 0.07 5.10 -6.52
N PRO A 26 0.03 6.42 -6.22
CA PRO A 26 -1.21 7.18 -6.00
C PRO A 26 -2.12 7.24 -7.24
N HIS A 27 -1.56 7.12 -8.44
CA HIS A 27 -2.27 7.02 -9.72
C HIS A 27 -3.01 5.69 -9.93
N LYS A 28 -2.63 4.64 -9.18
CA LYS A 28 -3.25 3.30 -9.18
C LYS A 28 -3.91 2.93 -7.83
N LYS A 29 -3.72 3.76 -6.80
CA LYS A 29 -4.06 3.50 -5.39
C LYS A 29 -3.48 2.17 -4.86
N ARG A 30 -2.21 1.93 -5.20
CA ARG A 30 -1.44 0.72 -4.87
C ARG A 30 -0.18 1.06 -4.08
N GLY A 31 0.27 0.15 -3.23
CA GLY A 31 1.53 0.27 -2.50
C GLY A 31 2.26 -1.07 -2.44
N LEU A 32 3.55 -1.08 -2.79
CA LEU A 32 4.40 -2.29 -2.81
C LEU A 32 5.58 -2.19 -1.83
N CYS A 33 5.66 -3.10 -0.87
CA CYS A 33 6.72 -3.10 0.14
C CYS A 33 8.12 -3.20 -0.49
N SER A 34 9.06 -2.39 0.03
CA SER A 34 10.46 -2.36 -0.44
C SER A 34 11.34 -3.44 0.23
N ARG A 35 10.86 -4.13 1.27
CA ARG A 35 11.56 -5.19 1.99
C ARG A 35 11.37 -6.53 1.28
N LEU A 36 12.48 -7.15 0.84
CA LEU A 36 12.46 -8.37 0.02
C LEU A 36 11.96 -9.62 0.78
N ALA A 37 12.07 -9.64 2.11
CA ALA A 37 11.52 -10.67 2.99
C ALA A 37 9.99 -10.56 3.20
N CYS A 38 9.38 -9.47 2.74
CA CYS A 38 7.97 -9.10 2.95
C CYS A 38 7.21 -9.05 1.61
N GLY A 39 7.59 -8.14 0.70
CA GLY A 39 7.12 -8.05 -0.68
C GLY A 39 5.59 -8.00 -0.83
N PHE A 40 4.92 -7.16 -0.04
CA PHE A 40 3.47 -7.12 0.11
C PHE A 40 2.82 -6.10 -0.83
N ASP A 41 1.56 -6.37 -1.20
CA ASP A 41 0.80 -5.61 -2.20
C ASP A 41 -0.54 -5.16 -1.60
N PHE A 42 -0.66 -3.87 -1.28
CA PHE A 42 -1.77 -3.33 -0.50
C PHE A 42 -2.50 -2.14 -1.14
N CYS A 43 -3.76 -1.98 -0.72
CA CYS A 43 -4.61 -0.83 -0.99
C CYS A 43 -4.23 0.34 -0.09
N VAL A 44 -3.96 1.50 -0.68
CA VAL A 44 -3.47 2.69 0.03
C VAL A 44 -4.57 3.49 0.76
N LEU A 45 -5.84 3.08 0.62
CA LEU A 45 -6.98 3.71 1.32
C LEU A 45 -7.40 2.94 2.59
N CYS A 46 -7.34 1.60 2.59
CA CYS A 46 -7.82 0.74 3.68
C CYS A 46 -6.76 -0.20 4.29
N LEU A 47 -5.53 -0.17 3.77
CA LEU A 47 -4.35 -0.89 4.27
C LEU A 47 -4.53 -2.43 4.38
N CYS A 48 -5.40 -2.98 3.53
CA CYS A 48 -5.60 -4.42 3.33
C CYS A 48 -4.94 -4.87 2.02
N ALA A 49 -4.94 -6.18 1.74
CA ALA A 49 -4.44 -6.73 0.48
C ALA A 49 -5.12 -6.06 -0.73
N TYR A 50 -4.33 -5.69 -1.73
CA TYR A 50 -4.76 -4.85 -2.85
C TYR A 50 -5.94 -5.44 -3.65
N HIS A 51 -6.95 -4.60 -3.90
CA HIS A 51 -8.22 -4.98 -4.53
C HIS A 51 -8.57 -4.15 -5.79
N GLY A 52 -7.58 -3.50 -6.41
CA GLY A 52 -7.71 -2.81 -7.70
C GLY A 52 -8.81 -1.74 -7.72
N SER A 53 -9.75 -1.89 -8.66
CA SER A 53 -10.87 -0.95 -8.90
C SER A 53 -12.13 -1.21 -8.05
N GLU A 54 -12.16 -2.26 -7.21
CA GLU A 54 -13.23 -2.51 -6.25
C GLU A 54 -13.23 -1.47 -5.11
N ASP A 55 -14.35 -1.32 -4.41
CA ASP A 55 -14.51 -0.40 -3.27
C ASP A 55 -13.96 -0.99 -1.95
N CYS A 56 -13.41 -0.13 -1.09
CA CYS A 56 -12.92 -0.45 0.25
C CYS A 56 -14.04 -0.76 1.27
N ARG A 57 -13.63 -1.12 2.49
CA ARG A 57 -14.49 -1.39 3.67
C ARG A 57 -13.96 -0.64 4.89
N ARG A 58 -13.97 0.70 4.81
CA ARG A 58 -13.31 1.62 5.76
C ARG A 58 -14.09 1.85 7.07
N GLY A 59 -15.40 1.56 7.09
CA GLY A 59 -16.29 1.71 8.24
C GLY A 59 -16.04 0.69 9.37
ZN ZN B . 6.57 -4.92 4.29
ZN ZN C . -9.15 -0.50 -0.22
N THR A 8 6.98 19.58 3.13
CA THR A 8 7.45 18.31 2.50
C THR A 8 6.50 17.90 1.39
N ASP A 9 7.03 17.65 0.18
CA ASP A 9 6.26 17.29 -1.02
C ASP A 9 6.31 15.79 -1.40
N GLU A 10 7.03 14.99 -0.60
CA GLU A 10 7.14 13.53 -0.75
C GLU A 10 5.97 12.78 -0.08
N ALA A 11 5.70 11.55 -0.53
CA ALA A 11 4.71 10.64 0.03
C ALA A 11 5.15 9.18 -0.17
N LEU A 12 5.18 8.44 0.94
CA LEU A 12 5.36 6.98 1.02
C LEU A 12 4.59 6.47 2.24
N LYS A 13 3.80 5.40 2.08
CA LYS A 13 2.99 4.80 3.16
C LYS A 13 3.67 3.56 3.78
N PRO A 14 3.46 3.30 5.08
CA PRO A 14 3.92 2.08 5.72
C PRO A 14 3.10 0.87 5.25
N CYS A 15 3.81 -0.23 4.96
CA CYS A 15 3.24 -1.53 4.64
C CYS A 15 2.33 -2.05 5.78
N PRO A 16 1.12 -2.56 5.46
CA PRO A 16 0.17 -3.07 6.45
C PRO A 16 0.63 -4.36 7.14
N ARG A 17 1.69 -5.02 6.64
CA ARG A 17 2.30 -6.22 7.25
C ARG A 17 3.47 -5.91 8.18
N CYS A 18 4.41 -5.08 7.71
CA CYS A 18 5.72 -4.88 8.34
C CYS A 18 6.15 -3.40 8.51
N GLN A 19 5.30 -2.45 8.13
CA GLN A 19 5.48 -1.00 8.26
C GLN A 19 6.69 -0.41 7.51
N SER A 20 7.31 -1.16 6.59
CA SER A 20 8.33 -0.65 5.67
C SER A 20 7.76 0.46 4.77
N PRO A 21 8.53 1.52 4.41
CA PRO A 21 8.08 2.55 3.47
C PRO A 21 7.97 1.98 2.04
N ALA A 22 6.79 1.46 1.74
CA ALA A 22 6.44 0.79 0.49
C ALA A 22 6.47 1.75 -0.71
N LYS A 23 6.82 1.23 -1.89
CA LYS A 23 6.77 1.97 -3.17
C LYS A 23 5.34 2.43 -3.44
N TYR A 24 5.10 3.73 -3.30
CA TYR A 24 3.77 4.33 -3.36
C TYR A 24 3.39 4.65 -4.81
N GLN A 25 2.16 4.29 -5.20
CA GLN A 25 1.63 4.42 -6.56
C GLN A 25 0.29 5.18 -6.54
N PRO A 26 0.28 6.50 -6.28
CA PRO A 26 -0.95 7.29 -6.12
C PRO A 26 -1.83 7.32 -7.38
N HIS A 27 -1.22 7.19 -8.56
CA HIS A 27 -1.88 7.07 -9.87
C HIS A 27 -2.61 5.74 -10.08
N LYS A 28 -2.29 4.71 -9.28
CA LYS A 28 -2.90 3.37 -9.29
C LYS A 28 -3.59 2.99 -7.96
N LYS A 29 -3.58 3.91 -6.97
CA LYS A 29 -3.97 3.70 -5.56
C LYS A 29 -3.41 2.40 -4.96
N ARG A 30 -2.13 2.13 -5.26
CA ARG A 30 -1.43 0.88 -4.95
C ARG A 30 -0.16 1.14 -4.15
N GLY A 31 0.25 0.20 -3.31
CA GLY A 31 1.50 0.26 -2.57
C GLY A 31 2.16 -1.13 -2.54
N LEU A 32 3.46 -1.17 -2.88
CA LEU A 32 4.26 -2.41 -2.94
C LEU A 32 5.40 -2.40 -1.91
N CYS A 33 5.45 -3.39 -1.03
CA CYS A 33 6.40 -3.43 0.08
C CYS A 33 7.87 -3.36 -0.38
N SER A 34 8.66 -2.62 0.39
CA SER A 34 10.10 -2.43 0.18
C SER A 34 10.96 -3.48 0.91
N ARG A 35 10.35 -4.36 1.74
CA ARG A 35 10.99 -5.52 2.36
C ARG A 35 10.84 -6.76 1.47
N LEU A 36 11.95 -7.34 1.03
CA LEU A 36 11.97 -8.46 0.08
C LEU A 36 11.40 -9.77 0.66
N ALA A 37 11.49 -9.98 1.98
CA ALA A 37 10.91 -11.12 2.68
C ALA A 37 9.37 -11.01 2.88
N CYS A 38 8.82 -9.80 2.77
CA CYS A 38 7.40 -9.48 2.92
C CYS A 38 6.69 -9.40 1.56
N GLY A 39 7.15 -8.47 0.70
CA GLY A 39 6.76 -8.36 -0.71
C GLY A 39 5.25 -8.29 -0.94
N PHE A 40 4.56 -7.37 -0.25
CA PHE A 40 3.10 -7.28 -0.16
C PHE A 40 2.53 -6.24 -1.12
N ASP A 41 1.26 -6.40 -1.48
CA ASP A 41 0.55 -5.59 -2.49
C ASP A 41 -0.80 -5.13 -1.92
N PHE A 42 -0.90 -3.84 -1.58
CA PHE A 42 -2.02 -3.29 -0.83
C PHE A 42 -2.71 -2.07 -1.46
N CYS A 43 -3.98 -1.91 -1.09
CA CYS A 43 -4.81 -0.74 -1.37
C CYS A 43 -4.43 0.41 -0.42
N VAL A 44 -4.09 1.57 -0.97
CA VAL A 44 -3.60 2.73 -0.19
C VAL A 44 -4.71 3.53 0.50
N LEU A 45 -5.98 3.18 0.27
CA LEU A 45 -7.14 3.80 0.93
C LEU A 45 -7.59 3.05 2.20
N CYS A 46 -7.53 1.71 2.19
CA CYS A 46 -8.04 0.85 3.27
C CYS A 46 -7.05 -0.16 3.87
N LEU A 47 -5.80 -0.15 3.40
CA LEU A 47 -4.65 -0.91 3.93
C LEU A 47 -4.88 -2.44 4.01
N CYS A 48 -5.69 -2.97 3.10
CA CYS A 48 -5.89 -4.40 2.88
C CYS A 48 -5.23 -4.84 1.55
N ALA A 49 -5.21 -6.14 1.28
CA ALA A 49 -4.70 -6.68 0.01
C ALA A 49 -5.38 -6.00 -1.19
N TYR A 50 -4.58 -5.62 -2.19
CA TYR A 50 -5.01 -4.77 -3.30
C TYR A 50 -6.19 -5.36 -4.09
N HIS A 51 -7.22 -4.52 -4.32
CA HIS A 51 -8.51 -4.93 -4.89
C HIS A 51 -8.92 -4.14 -6.15
N GLY A 52 -7.95 -3.50 -6.83
CA GLY A 52 -8.12 -2.88 -8.15
C GLY A 52 -9.28 -1.88 -8.23
N SER A 53 -10.26 -2.17 -9.08
CA SER A 53 -11.44 -1.34 -9.36
C SER A 53 -12.63 -1.58 -8.41
N GLU A 54 -12.56 -2.55 -7.50
CA GLU A 54 -13.61 -2.80 -6.49
C GLU A 54 -13.61 -1.71 -5.38
N ASP A 55 -14.73 -1.58 -4.64
CA ASP A 55 -14.87 -0.62 -3.55
C ASP A 55 -14.18 -1.08 -2.25
N CYS A 56 -13.65 -0.12 -1.48
CA CYS A 56 -13.05 -0.34 -0.15
C CYS A 56 -14.08 -0.71 0.93
N ARG A 57 -13.58 -1.28 2.04
CA ARG A 57 -14.36 -1.65 3.24
C ARG A 57 -15.00 -0.44 3.94
N ARG A 58 -16.17 -0.65 4.55
CA ARG A 58 -16.89 0.36 5.38
C ARG A 58 -16.53 0.27 6.87
N GLY A 59 -16.21 -0.93 7.36
CA GLY A 59 -15.72 -1.22 8.72
C GLY A 59 -14.21 -1.04 8.85
ZN ZN B . 5.99 -5.27 4.16
ZN ZN C . -9.35 -0.32 -0.64
N THR A 8 9.85 19.15 5.87
CA THR A 8 8.93 18.51 4.89
C THR A 8 9.36 17.08 4.57
N ASP A 9 8.45 16.26 4.04
CA ASP A 9 8.65 14.83 3.76
C ASP A 9 8.02 14.42 2.41
N GLU A 10 8.55 13.36 1.80
CA GLU A 10 8.04 12.81 0.52
C GLU A 10 6.82 11.87 0.71
N ALA A 11 6.13 11.55 -0.39
CA ALA A 11 4.93 10.72 -0.40
C ALA A 11 5.31 9.25 -0.48
N LEU A 12 5.43 8.61 0.67
CA LEU A 12 5.63 7.17 0.85
C LEU A 12 4.93 6.72 2.15
N LYS A 13 4.18 5.62 2.06
CA LYS A 13 3.38 5.05 3.16
C LYS A 13 4.04 3.80 3.77
N PRO A 14 3.81 3.52 5.07
CA PRO A 14 4.27 2.29 5.70
C PRO A 14 3.48 1.07 5.22
N CYS A 15 4.20 -0.01 4.95
CA CYS A 15 3.63 -1.34 4.68
C CYS A 15 2.77 -1.83 5.86
N PRO A 16 1.55 -2.32 5.61
CA PRO A 16 0.62 -2.80 6.65
C PRO A 16 1.11 -4.06 7.40
N ARG A 17 2.23 -4.68 6.96
CA ARG A 17 2.82 -5.88 7.57
C ARG A 17 4.13 -5.65 8.33
N CYS A 18 5.06 -4.87 7.75
CA CYS A 18 6.39 -4.61 8.31
C CYS A 18 6.73 -3.12 8.53
N GLN A 19 5.80 -2.22 8.18
CA GLN A 19 5.90 -0.76 8.35
C GLN A 19 7.06 -0.09 7.57
N SER A 20 7.67 -0.81 6.63
CA SER A 20 8.70 -0.30 5.72
C SER A 20 8.12 0.77 4.77
N PRO A 21 8.90 1.78 4.32
CA PRO A 21 8.46 2.75 3.32
C PRO A 21 8.30 2.07 1.95
N ALA A 22 7.07 1.63 1.68
CA ALA A 22 6.69 0.91 0.46
C ALA A 22 6.68 1.84 -0.77
N LYS A 23 6.93 1.29 -1.96
CA LYS A 23 6.83 2.01 -3.24
C LYS A 23 5.39 2.45 -3.47
N TYR A 24 5.15 3.76 -3.33
CA TYR A 24 3.82 4.35 -3.41
C TYR A 24 3.41 4.58 -4.87
N GLN A 25 2.16 4.24 -5.21
CA GLN A 25 1.60 4.32 -6.56
C GLN A 25 0.26 5.10 -6.51
N PRO A 26 0.27 6.43 -6.27
CA PRO A 26 -0.94 7.24 -6.11
C PRO A 26 -1.85 7.24 -7.34
N HIS A 27 -1.27 7.09 -8.54
CA HIS A 27 -1.96 6.95 -9.82
C HIS A 27 -2.71 5.62 -9.99
N LYS A 28 -2.40 4.61 -9.15
CA LYS A 28 -3.02 3.28 -9.11
C LYS A 28 -3.69 2.97 -7.75
N LYS A 29 -3.67 3.92 -6.79
CA LYS A 29 -4.06 3.76 -5.38
C LYS A 29 -3.49 2.48 -4.74
N ARG A 30 -2.22 2.19 -5.06
CA ARG A 30 -1.52 0.94 -4.74
C ARG A 30 -0.21 1.22 -4.00
N GLY A 31 0.22 0.28 -3.16
CA GLY A 31 1.51 0.33 -2.49
C GLY A 31 2.16 -1.05 -2.49
N LEU A 32 3.44 -1.12 -2.89
CA LEU A 32 4.22 -2.37 -2.93
C LEU A 32 5.41 -2.32 -1.96
N CYS A 33 5.51 -3.31 -1.07
CA CYS A 33 6.53 -3.34 -0.04
C CYS A 33 7.96 -3.33 -0.61
N SER A 34 8.83 -2.59 0.08
CA SER A 34 10.26 -2.44 -0.23
C SER A 34 11.14 -3.52 0.42
N ARG A 35 10.58 -4.35 1.32
CA ARG A 35 11.24 -5.48 1.98
C ARG A 35 11.04 -6.76 1.17
N LEU A 36 12.13 -7.38 0.70
CA LEU A 36 12.08 -8.53 -0.21
C LEU A 36 11.51 -9.81 0.43
N ALA A 37 11.67 -9.98 1.75
CA ALA A 37 11.09 -11.08 2.52
C ALA A 37 9.56 -10.93 2.78
N CYS A 38 9.04 -9.70 2.65
CA CYS A 38 7.64 -9.33 2.88
C CYS A 38 6.85 -9.26 1.57
N GLY A 39 7.27 -8.37 0.65
CA GLY A 39 6.79 -8.30 -0.74
C GLY A 39 5.26 -8.20 -0.88
N PHE A 40 4.64 -7.28 -0.13
CA PHE A 40 3.18 -7.17 0.03
C PHE A 40 2.57 -6.15 -0.93
N ASP A 41 1.29 -6.33 -1.26
CA ASP A 41 0.55 -5.55 -2.25
C ASP A 41 -0.77 -5.05 -1.64
N PHE A 42 -0.83 -3.76 -1.31
CA PHE A 42 -1.91 -3.18 -0.52
C PHE A 42 -2.61 -1.97 -1.15
N CYS A 43 -3.86 -1.78 -0.73
CA CYS A 43 -4.69 -0.60 -0.98
C CYS A 43 -4.27 0.56 -0.08
N VAL A 44 -3.96 1.72 -0.67
CA VAL A 44 -3.42 2.87 0.07
C VAL A 44 -4.49 3.70 0.80
N LEU A 45 -5.77 3.34 0.64
CA LEU A 45 -6.90 4.00 1.30
C LEU A 45 -7.34 3.29 2.59
N CYS A 46 -7.26 1.95 2.65
CA CYS A 46 -7.73 1.12 3.77
C CYS A 46 -6.68 0.15 4.37
N LEU A 47 -5.47 0.13 3.82
CA LEU A 47 -4.31 -0.65 4.31
C LEU A 47 -4.56 -2.17 4.42
N CYS A 48 -5.44 -2.70 3.56
CA CYS A 48 -5.68 -4.13 3.38
C CYS A 48 -5.05 -4.61 2.06
N ALA A 49 -5.07 -5.92 1.81
CA ALA A 49 -4.62 -6.51 0.54
C ALA A 49 -5.34 -5.84 -0.65
N TYR A 50 -4.58 -5.49 -1.69
CA TYR A 50 -5.04 -4.67 -2.81
C TYR A 50 -6.26 -5.28 -3.53
N HIS A 51 -7.30 -4.45 -3.71
CA HIS A 51 -8.63 -4.88 -4.20
C HIS A 51 -9.07 -4.20 -5.50
N GLY A 52 -8.12 -3.60 -6.23
CA GLY A 52 -8.32 -3.09 -7.59
C GLY A 52 -9.52 -2.15 -7.75
N SER A 53 -10.50 -2.56 -8.56
CA SER A 53 -11.70 -1.78 -8.89
C SER A 53 -12.83 -1.83 -7.85
N GLU A 54 -12.72 -2.67 -6.81
CA GLU A 54 -13.69 -2.70 -5.69
C GLU A 54 -13.57 -1.47 -4.79
N ASP A 55 -14.66 -1.12 -4.09
CA ASP A 55 -14.65 -0.11 -3.02
C ASP A 55 -14.06 -0.68 -1.72
N CYS A 56 -13.44 0.17 -0.89
CA CYS A 56 -12.86 -0.18 0.39
C CYS A 56 -13.92 -0.69 1.41
N ARG A 57 -13.47 -1.56 2.33
CA ARG A 57 -14.31 -2.31 3.28
C ARG A 57 -13.81 -2.15 4.73
N ARG A 58 -14.71 -2.36 5.71
CA ARG A 58 -14.46 -2.12 7.15
C ARG A 58 -13.76 -3.26 7.91
N GLY A 59 -13.35 -4.32 7.21
CA GLY A 59 -12.79 -5.56 7.78
C GLY A 59 -13.81 -6.39 8.54
ZN ZN B . 6.39 -5.08 4.13
ZN ZN C . -9.18 -0.12 -0.06
N THR A 8 9.46 17.62 0.97
CA THR A 8 9.06 18.77 0.11
C THR A 8 7.90 18.41 -0.80
N ASP A 9 8.07 17.51 -1.77
CA ASP A 9 7.08 17.18 -2.82
C ASP A 9 6.89 15.67 -3.07
N GLU A 10 7.57 14.81 -2.31
CA GLU A 10 7.43 13.35 -2.34
C GLU A 10 6.36 12.82 -1.36
N ALA A 11 6.00 11.54 -1.50
CA ALA A 11 5.08 10.80 -0.64
C ALA A 11 5.45 9.32 -0.67
N LEU A 12 5.31 8.68 0.50
CA LEU A 12 5.37 7.24 0.75
C LEU A 12 4.43 6.91 1.91
N LYS A 13 3.87 5.70 1.90
CA LYS A 13 3.11 5.09 3.01
C LYS A 13 3.81 3.83 3.54
N PRO A 14 3.68 3.50 4.85
CA PRO A 14 4.23 2.28 5.41
C PRO A 14 3.47 1.03 4.96
N CYS A 15 4.19 -0.09 4.78
CA CYS A 15 3.59 -1.40 4.56
C CYS A 15 2.70 -1.83 5.76
N PRO A 16 1.46 -2.30 5.50
CA PRO A 16 0.49 -2.70 6.53
C PRO A 16 0.93 -3.94 7.34
N ARG A 17 1.98 -4.66 6.92
CA ARG A 17 2.49 -5.87 7.57
C ARG A 17 3.77 -5.63 8.37
N CYS A 18 4.73 -4.88 7.82
CA CYS A 18 6.08 -4.72 8.36
C CYS A 18 6.59 -3.27 8.42
N GLN A 19 5.76 -2.30 8.00
CA GLN A 19 6.03 -0.85 8.09
C GLN A 19 7.27 -0.37 7.30
N SER A 20 7.69 -1.14 6.27
CA SER A 20 8.72 -0.69 5.31
C SER A 20 8.28 0.58 4.55
N PRO A 21 9.22 1.39 4.00
CA PRO A 21 8.91 2.52 3.11
C PRO A 21 8.49 2.01 1.72
N ALA A 22 7.32 1.38 1.65
CA ALA A 22 6.75 0.74 0.47
C ALA A 22 6.64 1.71 -0.72
N LYS A 23 6.95 1.21 -1.94
CA LYS A 23 6.85 1.96 -3.19
C LYS A 23 5.41 2.41 -3.42
N TYR A 24 5.17 3.70 -3.25
CA TYR A 24 3.84 4.30 -3.32
C TYR A 24 3.45 4.61 -4.77
N GLN A 25 2.21 4.26 -5.14
CA GLN A 25 1.66 4.40 -6.48
C GLN A 25 0.32 5.15 -6.43
N PRO A 26 0.31 6.47 -6.14
CA PRO A 26 -0.92 7.25 -5.97
C PRO A 26 -1.79 7.31 -7.23
N HIS A 27 -1.18 7.19 -8.42
CA HIS A 27 -1.84 7.09 -9.73
C HIS A 27 -2.59 5.75 -9.95
N LYS A 28 -2.27 4.72 -9.15
CA LYS A 28 -2.90 3.38 -9.15
C LYS A 28 -3.59 3.02 -7.83
N LYS A 29 -3.58 3.94 -6.84
CA LYS A 29 -3.98 3.72 -5.43
C LYS A 29 -3.40 2.43 -4.82
N ARG A 30 -2.13 2.16 -5.14
CA ARG A 30 -1.42 0.90 -4.83
C ARG A 30 -0.14 1.18 -4.04
N GLY A 31 0.28 0.23 -3.22
CA GLY A 31 1.55 0.27 -2.51
C GLY A 31 2.21 -1.10 -2.49
N LEU A 32 3.51 -1.16 -2.81
CA LEU A 32 4.29 -2.41 -2.86
C LEU A 32 5.45 -2.38 -1.85
N CYS A 33 5.52 -3.38 -0.97
CA CYS A 33 6.49 -3.43 0.11
C CYS A 33 7.95 -3.40 -0.39
N SER A 34 8.79 -2.65 0.32
CA SER A 34 10.24 -2.52 0.07
C SER A 34 11.09 -3.55 0.84
N ARG A 35 10.48 -4.41 1.66
CA ARG A 35 11.12 -5.53 2.37
C ARG A 35 10.94 -6.83 1.57
N LEU A 36 12.05 -7.42 1.12
CA LEU A 36 12.04 -8.58 0.20
C LEU A 36 11.49 -9.87 0.85
N ALA A 37 11.59 -10.01 2.17
CA ALA A 37 11.02 -11.12 2.94
C ALA A 37 9.48 -11.03 3.12
N CYS A 38 8.88 -9.87 2.81
CA CYS A 38 7.46 -9.53 2.97
C CYS A 38 6.76 -9.43 1.61
N GLY A 39 7.20 -8.48 0.77
CA GLY A 39 6.80 -8.35 -0.64
C GLY A 39 5.29 -8.28 -0.86
N PHE A 40 4.61 -7.37 -0.16
CA PHE A 40 3.15 -7.28 -0.07
C PHE A 40 2.58 -6.24 -1.03
N ASP A 41 1.29 -6.40 -1.38
CA ASP A 41 0.57 -5.60 -2.36
C ASP A 41 -0.75 -5.11 -1.77
N PHE A 42 -0.83 -3.83 -1.45
CA PHE A 42 -1.92 -3.25 -0.66
C PHE A 42 -2.61 -2.02 -1.29
N CYS A 43 -3.86 -1.83 -0.88
CA CYS A 43 -4.69 -0.66 -1.15
C CYS A 43 -4.28 0.50 -0.23
N VAL A 44 -3.99 1.66 -0.81
CA VAL A 44 -3.49 2.84 -0.05
C VAL A 44 -4.60 3.65 0.63
N LEU A 45 -5.87 3.27 0.43
CA LEU A 45 -7.03 3.91 1.08
C LEU A 45 -7.48 3.19 2.36
N CYS A 46 -7.39 1.85 2.39
CA CYS A 46 -7.87 1.01 3.51
C CYS A 46 -6.83 0.06 4.13
N LEU A 47 -5.60 0.05 3.60
CA LEU A 47 -4.45 -0.72 4.10
C LEU A 47 -4.70 -2.24 4.19
N CYS A 48 -5.59 -2.75 3.35
CA CYS A 48 -5.84 -4.19 3.13
C CYS A 48 -5.16 -4.66 1.84
N ALA A 49 -5.19 -5.97 1.56
CA ALA A 49 -4.70 -6.52 0.30
C ALA A 49 -5.36 -5.83 -0.91
N TYR A 50 -4.56 -5.51 -1.93
CA TYR A 50 -4.98 -4.68 -3.06
C TYR A 50 -6.20 -5.23 -3.82
N HIS A 51 -7.16 -4.34 -4.10
CA HIS A 51 -8.44 -4.67 -4.73
C HIS A 51 -8.76 -3.81 -5.97
N GLY A 52 -7.74 -3.24 -6.62
CA GLY A 52 -7.86 -2.57 -7.92
C GLY A 52 -8.88 -1.42 -7.96
N SER A 53 -9.82 -1.51 -8.91
CA SER A 53 -10.88 -0.51 -9.15
C SER A 53 -12.14 -0.71 -8.28
N GLU A 54 -12.21 -1.77 -7.46
CA GLU A 54 -13.32 -1.98 -6.51
C GLU A 54 -13.27 -1.00 -5.33
N ASP A 55 -14.41 -0.77 -4.66
CA ASP A 55 -14.52 0.11 -3.49
C ASP A 55 -14.05 -0.58 -2.18
N CYS A 56 -13.49 0.21 -1.26
CA CYS A 56 -12.95 -0.23 0.03
C CYS A 56 -14.06 -0.68 1.03
N ARG A 57 -13.62 -1.36 2.09
CA ARG A 57 -14.48 -1.92 3.15
C ARG A 57 -15.17 -0.84 3.99
N ARG A 58 -16.41 -1.11 4.42
CA ARG A 58 -17.27 -0.23 5.24
C ARG A 58 -18.00 -1.02 6.34
N GLY A 59 -18.42 -0.32 7.40
CA GLY A 59 -19.12 -0.88 8.57
C GLY A 59 -18.25 -1.78 9.44
ZN ZN B . 6.16 -5.30 4.20
ZN ZN C . -9.21 -0.21 -0.33
N THR A 8 10.04 20.69 -5.05
CA THR A 8 10.13 19.22 -5.02
C THR A 8 9.37 18.66 -3.82
N ASP A 9 8.54 17.63 -4.03
CA ASP A 9 7.70 17.00 -3.01
C ASP A 9 7.72 15.47 -3.13
N GLU A 10 7.54 14.76 -2.01
CA GLU A 10 7.58 13.30 -1.91
C GLU A 10 6.48 12.74 -0.98
N ALA A 11 6.12 11.47 -1.18
CA ALA A 11 5.19 10.69 -0.36
C ALA A 11 5.53 9.21 -0.48
N LEU A 12 5.51 8.50 0.64
CA LEU A 12 5.58 7.05 0.78
C LEU A 12 4.76 6.63 2.02
N LYS A 13 4.04 5.52 1.93
CA LYS A 13 3.23 4.94 3.03
C LYS A 13 3.90 3.71 3.67
N PRO A 14 3.66 3.44 4.96
CA PRO A 14 4.09 2.22 5.62
C PRO A 14 3.31 1.00 5.13
N CYS A 15 4.01 -0.11 4.90
CA CYS A 15 3.46 -1.42 4.63
C CYS A 15 2.51 -1.87 5.76
N PRO A 16 1.29 -2.35 5.46
CA PRO A 16 0.32 -2.78 6.47
C PRO A 16 0.73 -4.08 7.18
N ARG A 17 1.79 -4.77 6.73
CA ARG A 17 2.38 -5.95 7.39
C ARG A 17 3.60 -5.63 8.27
N CYS A 18 4.58 -4.90 7.73
CA CYS A 18 5.90 -4.70 8.35
C CYS A 18 6.30 -3.21 8.57
N GLN A 19 5.42 -2.29 8.19
CA GLN A 19 5.50 -0.83 8.43
C GLN A 19 6.71 -0.10 7.81
N SER A 20 7.47 -0.77 6.93
CA SER A 20 8.53 -0.12 6.14
C SER A 20 7.94 0.73 5.00
N PRO A 21 8.62 1.81 4.56
CA PRO A 21 8.13 2.70 3.50
C PRO A 21 8.10 1.96 2.15
N ALA A 22 6.89 1.59 1.74
CA ALA A 22 6.58 0.86 0.52
C ALA A 22 6.59 1.79 -0.72
N LYS A 23 6.86 1.24 -1.90
CA LYS A 23 6.80 1.96 -3.19
C LYS A 23 5.36 2.41 -3.45
N TYR A 24 5.14 3.72 -3.33
CA TYR A 24 3.81 4.33 -3.37
C TYR A 24 3.38 4.65 -4.82
N GLN A 25 2.14 4.30 -5.16
CA GLN A 25 1.56 4.44 -6.50
C GLN A 25 0.21 5.19 -6.41
N PRO A 26 0.20 6.49 -6.08
CA PRO A 26 -1.03 7.27 -5.82
C PRO A 26 -1.98 7.37 -7.02
N HIS A 27 -1.45 7.26 -8.25
CA HIS A 27 -2.18 7.20 -9.51
C HIS A 27 -2.91 5.87 -9.75
N LYS A 28 -2.47 4.79 -9.08
CA LYS A 28 -3.07 3.44 -9.10
C LYS A 28 -3.71 3.04 -7.76
N LYS A 29 -3.68 3.94 -6.77
CA LYS A 29 -4.03 3.71 -5.35
C LYS A 29 -3.44 2.41 -4.77
N ARG A 30 -2.20 2.13 -5.15
CA ARG A 30 -1.46 0.89 -4.86
C ARG A 30 -0.19 1.18 -4.08
N GLY A 31 0.24 0.24 -3.25
CA GLY A 31 1.52 0.29 -2.54
C GLY A 31 2.18 -1.09 -2.52
N LEU A 32 3.48 -1.16 -2.83
CA LEU A 32 4.26 -2.40 -2.88
C LEU A 32 5.41 -2.38 -1.88
N CYS A 33 5.46 -3.36 -0.97
CA CYS A 33 6.44 -3.41 0.11
C CYS A 33 7.89 -3.39 -0.40
N SER A 34 8.74 -2.67 0.34
CA SER A 34 10.18 -2.53 0.12
C SER A 34 11.01 -3.66 0.73
N ARG A 35 10.42 -4.52 1.57
CA ARG A 35 11.06 -5.68 2.21
C ARG A 35 10.79 -6.96 1.40
N LEU A 36 11.85 -7.61 0.92
CA LEU A 36 11.77 -8.77 0.01
C LEU A 36 11.20 -10.03 0.69
N ALA A 37 11.36 -10.16 2.01
CA ALA A 37 10.78 -11.24 2.82
C ALA A 37 9.26 -11.07 3.09
N CYS A 38 8.69 -9.92 2.76
CA CYS A 38 7.30 -9.52 3.00
C CYS A 38 6.54 -9.41 1.67
N GLY A 39 7.01 -8.54 0.77
CA GLY A 39 6.58 -8.43 -0.63
C GLY A 39 5.05 -8.29 -0.81
N PHE A 40 4.44 -7.34 -0.10
CA PHE A 40 3.00 -7.18 0.03
C PHE A 40 2.44 -6.16 -0.96
N ASP A 41 1.20 -6.37 -1.39
CA ASP A 41 0.51 -5.58 -2.41
C ASP A 41 -0.81 -5.07 -1.83
N PHE A 42 -0.88 -3.77 -1.51
CA PHE A 42 -1.97 -3.19 -0.72
C PHE A 42 -2.67 -1.98 -1.37
N CYS A 43 -3.93 -1.81 -0.97
CA CYS A 43 -4.74 -0.63 -1.24
C CYS A 43 -4.34 0.51 -0.28
N VAL A 44 -3.97 1.66 -0.84
CA VAL A 44 -3.47 2.80 -0.04
C VAL A 44 -4.58 3.62 0.63
N LEU A 45 -5.85 3.30 0.35
CA LEU A 45 -7.02 4.00 0.89
C LEU A 45 -7.61 3.30 2.13
N CYS A 46 -7.51 1.96 2.22
CA CYS A 46 -8.04 1.15 3.33
C CYS A 46 -7.04 0.16 3.98
N LEU A 47 -5.79 0.13 3.50
CA LEU A 47 -4.65 -0.63 4.05
C LEU A 47 -4.89 -2.15 4.18
N CYS A 48 -5.70 -2.70 3.27
CA CYS A 48 -5.89 -4.14 3.07
C CYS A 48 -5.19 -4.61 1.79
N ALA A 49 -5.17 -5.92 1.54
CA ALA A 49 -4.68 -6.47 0.28
C ALA A 49 -5.37 -5.81 -0.93
N TYR A 50 -4.61 -5.48 -1.97
CA TYR A 50 -5.05 -4.69 -3.11
C TYR A 50 -6.25 -5.33 -3.83
N HIS A 51 -7.33 -4.55 -4.00
CA HIS A 51 -8.64 -5.05 -4.44
C HIS A 51 -9.15 -4.45 -5.77
N GLY A 52 -8.26 -3.84 -6.55
CA GLY A 52 -8.51 -3.41 -7.94
C GLY A 52 -9.75 -2.53 -8.10
N SER A 53 -10.75 -3.03 -8.83
CA SER A 53 -12.01 -2.35 -9.16
C SER A 53 -13.12 -2.48 -8.10
N GLU A 54 -12.94 -3.30 -7.05
CA GLU A 54 -13.88 -3.39 -5.92
C GLU A 54 -13.76 -2.17 -4.99
N ASP A 55 -14.77 -1.92 -4.13
CA ASP A 55 -14.74 -0.81 -3.17
C ASP A 55 -13.92 -1.12 -1.90
N CYS A 56 -13.47 -0.05 -1.23
CA CYS A 56 -12.77 -0.09 0.05
C CYS A 56 -13.69 -0.45 1.23
N ARG A 57 -13.09 -0.60 2.42
CA ARG A 57 -13.78 -0.84 3.70
C ARG A 57 -14.60 0.39 4.13
N ARG A 58 -15.83 0.17 4.60
CA ARG A 58 -16.81 1.20 4.97
C ARG A 58 -17.38 0.97 6.38
N GLY A 59 -17.91 2.03 7.00
CA GLY A 59 -18.51 2.03 8.35
C GLY A 59 -19.03 3.41 8.77
ZN ZN B . 6.13 -5.23 4.19
ZN ZN C . -9.26 -0.08 -0.56
N THR A 8 9.40 10.13 7.94
CA THR A 8 9.39 10.28 6.46
C THR A 8 8.53 11.45 6.03
N ASP A 9 9.08 12.37 5.24
CA ASP A 9 8.39 13.58 4.73
C ASP A 9 8.00 13.49 3.24
N GLU A 10 8.37 12.38 2.59
CA GLU A 10 7.96 12.02 1.21
C GLU A 10 6.55 11.39 1.17
N ALA A 11 5.94 11.36 -0.01
CA ALA A 11 4.70 10.62 -0.25
C ALA A 11 4.99 9.11 -0.37
N LEU A 12 5.08 8.43 0.77
CA LEU A 12 5.34 7.00 0.93
C LEU A 12 4.65 6.51 2.20
N LYS A 13 3.85 5.45 2.09
CA LYS A 13 3.05 4.90 3.19
C LYS A 13 3.72 3.67 3.84
N PRO A 14 3.46 3.42 5.13
CA PRO A 14 3.91 2.21 5.81
C PRO A 14 3.13 0.98 5.32
N CYS A 15 3.87 -0.09 5.00
CA CYS A 15 3.34 -1.41 4.70
C CYS A 15 2.46 -1.95 5.83
N PRO A 16 1.25 -2.46 5.54
CA PRO A 16 0.31 -2.95 6.54
C PRO A 16 0.76 -4.27 7.22
N ARG A 17 1.85 -4.90 6.74
CA ARG A 17 2.50 -6.06 7.38
C ARG A 17 3.68 -5.69 8.29
N CYS A 18 4.63 -4.91 7.78
CA CYS A 18 5.94 -4.66 8.42
C CYS A 18 6.25 -3.17 8.69
N GLN A 19 5.34 -2.26 8.29
CA GLN A 19 5.44 -0.81 8.45
C GLN A 19 6.63 -0.15 7.73
N SER A 20 7.31 -0.88 6.83
CA SER A 20 8.36 -0.36 5.95
C SER A 20 7.81 0.67 4.94
N PRO A 21 8.60 1.67 4.50
CA PRO A 21 8.19 2.60 3.45
C PRO A 21 8.03 1.86 2.11
N ALA A 22 6.79 1.63 1.72
CA ALA A 22 6.41 0.95 0.49
C ALA A 22 6.44 1.89 -0.72
N LYS A 23 6.74 1.36 -1.91
CA LYS A 23 6.69 2.08 -3.20
C LYS A 23 5.25 2.52 -3.47
N TYR A 24 5.02 3.83 -3.36
CA TYR A 24 3.69 4.42 -3.47
C TYR A 24 3.32 4.67 -4.95
N GLN A 25 2.09 4.33 -5.31
CA GLN A 25 1.56 4.44 -6.67
C GLN A 25 0.23 5.23 -6.67
N PRO A 26 0.27 6.56 -6.43
CA PRO A 26 -0.95 7.39 -6.28
C PRO A 26 -1.83 7.44 -7.53
N HIS A 27 -1.24 7.24 -8.71
CA HIS A 27 -1.92 7.13 -10.01
C HIS A 27 -2.72 5.82 -10.20
N LYS A 28 -2.41 4.79 -9.40
CA LYS A 28 -3.08 3.47 -9.39
C LYS A 28 -3.78 3.14 -8.06
N LYS A 29 -3.58 3.97 -7.02
CA LYS A 29 -3.97 3.72 -5.61
C LYS A 29 -3.46 2.37 -5.09
N ARG A 30 -2.18 2.09 -5.37
CA ARG A 30 -1.47 0.85 -5.03
C ARG A 30 -0.22 1.15 -4.21
N GLY A 31 0.19 0.22 -3.35
CA GLY A 31 1.43 0.31 -2.58
C GLY A 31 2.13 -1.05 -2.50
N LEU A 32 3.43 -1.09 -2.81
CA LEU A 32 4.25 -2.32 -2.84
C LEU A 32 5.40 -2.28 -1.83
N CYS A 33 5.49 -3.27 -0.95
CA CYS A 33 6.50 -3.34 0.10
C CYS A 33 7.94 -3.38 -0.46
N SER A 34 8.87 -2.75 0.27
CA SER A 34 10.31 -2.73 -0.02
C SER A 34 11.07 -3.90 0.63
N ARG A 35 10.46 -4.63 1.57
CA ARG A 35 11.07 -5.76 2.30
C ARG A 35 10.85 -7.06 1.54
N LEU A 36 11.94 -7.73 1.13
CA LEU A 36 11.89 -8.91 0.26
C LEU A 36 11.26 -10.15 0.92
N ALA A 37 11.36 -10.28 2.25
CA ALA A 37 10.71 -11.34 3.02
C ALA A 37 9.19 -11.11 3.24
N CYS A 38 8.72 -9.87 3.05
CA CYS A 38 7.34 -9.43 3.24
C CYS A 38 6.57 -9.39 1.91
N GLY A 39 7.07 -8.61 0.94
CA GLY A 39 6.64 -8.57 -0.46
C GLY A 39 5.11 -8.42 -0.64
N PHE A 40 4.53 -7.37 -0.07
CA PHE A 40 3.08 -7.19 0.06
C PHE A 40 2.55 -6.16 -0.94
N ASP A 41 1.26 -6.30 -1.29
CA ASP A 41 0.56 -5.51 -2.30
C ASP A 41 -0.78 -5.04 -1.74
N PHE A 42 -0.88 -3.75 -1.42
CA PHE A 42 -1.99 -3.18 -0.66
C PHE A 42 -2.70 -1.99 -1.31
N CYS A 43 -3.96 -1.82 -0.91
CA CYS A 43 -4.78 -0.66 -1.19
C CYS A 43 -4.40 0.51 -0.29
N VAL A 44 -4.06 1.65 -0.87
CA VAL A 44 -3.53 2.83 -0.15
C VAL A 44 -4.62 3.63 0.58
N LEU A 45 -5.90 3.28 0.41
CA LEU A 45 -7.03 3.93 1.09
C LEU A 45 -7.52 3.16 2.33
N CYS A 46 -7.52 1.82 2.31
CA CYS A 46 -8.04 0.96 3.39
C CYS A 46 -7.01 -0.01 4.03
N LEU A 47 -5.76 0.01 3.54
CA LEU A 47 -4.60 -0.74 4.08
C LEU A 47 -4.82 -2.26 4.20
N CYS A 48 -5.64 -2.82 3.31
CA CYS A 48 -5.84 -4.25 3.12
C CYS A 48 -5.21 -4.71 1.80
N ALA A 49 -5.21 -6.02 1.53
CA ALA A 49 -4.71 -6.58 0.27
C ALA A 49 -5.38 -5.89 -0.94
N TYR A 50 -4.57 -5.53 -1.93
CA TYR A 50 -4.97 -4.67 -3.06
C TYR A 50 -6.15 -5.25 -3.86
N HIS A 51 -7.15 -4.40 -4.12
CA HIS A 51 -8.43 -4.77 -4.74
C HIS A 51 -8.77 -3.96 -6.02
N GLY A 52 -7.76 -3.34 -6.64
CA GLY A 52 -7.89 -2.66 -7.93
C GLY A 52 -9.00 -1.60 -7.98
N SER A 53 -9.91 -1.75 -8.94
CA SER A 53 -11.02 -0.81 -9.19
C SER A 53 -12.27 -1.02 -8.31
N GLU A 54 -12.29 -2.06 -7.46
CA GLU A 54 -13.37 -2.33 -6.51
C GLU A 54 -13.43 -1.28 -5.37
N ASP A 55 -14.55 -1.17 -4.68
CA ASP A 55 -14.73 -0.23 -3.56
C ASP A 55 -14.13 -0.73 -2.22
N CYS A 56 -13.59 0.19 -1.42
CA CYS A 56 -12.98 -0.07 -0.12
C CYS A 56 -14.01 -0.44 0.98
N ARG A 57 -13.54 -1.16 2.00
CA ARG A 57 -14.31 -1.52 3.21
C ARG A 57 -14.56 -0.34 4.15
N ARG A 58 -15.65 -0.41 4.94
CA ARG A 58 -16.05 0.64 5.91
C ARG A 58 -15.21 0.62 7.20
N GLY A 59 -14.72 -0.56 7.61
CA GLY A 59 -13.88 -0.77 8.80
C GLY A 59 -13.83 -2.24 9.23
ZN ZN B . 6.16 -5.10 4.23
ZN ZN C . -9.33 -0.16 -0.52
N THR A 8 13.13 16.37 4.70
CA THR A 8 12.36 16.75 3.49
C THR A 8 11.06 15.95 3.41
N ASP A 9 10.04 16.51 2.73
CA ASP A 9 8.74 15.85 2.54
C ASP A 9 8.76 14.86 1.35
N GLU A 10 8.07 13.73 1.50
CA GLU A 10 7.93 12.67 0.49
C GLU A 10 6.52 12.07 0.48
N ALA A 11 6.08 11.57 -0.68
CA ALA A 11 4.86 10.77 -0.83
C ALA A 11 5.21 9.28 -0.80
N LEU A 12 5.13 8.69 0.39
CA LEU A 12 5.23 7.26 0.66
C LEU A 12 4.34 6.91 1.87
N LYS A 13 3.87 5.67 1.91
CA LYS A 13 3.09 5.08 3.01
C LYS A 13 3.80 3.87 3.65
N PRO A 14 3.53 3.58 4.93
CA PRO A 14 3.98 2.35 5.58
C PRO A 14 3.19 1.12 5.09
N CYS A 15 3.91 0.03 4.87
CA CYS A 15 3.37 -1.31 4.61
C CYS A 15 2.46 -1.81 5.74
N PRO A 16 1.26 -2.35 5.45
CA PRO A 16 0.32 -2.83 6.45
C PRO A 16 0.77 -4.12 7.15
N ARG A 17 1.83 -4.78 6.68
CA ARG A 17 2.46 -5.95 7.35
C ARG A 17 3.61 -5.57 8.29
N CYS A 18 4.57 -4.78 7.80
CA CYS A 18 5.85 -4.52 8.47
C CYS A 18 6.20 -3.03 8.70
N GLN A 19 5.33 -2.12 8.24
CA GLN A 19 5.46 -0.66 8.33
C GLN A 19 6.70 -0.08 7.61
N SER A 20 7.36 -0.86 6.74
CA SER A 20 8.42 -0.38 5.85
C SER A 20 7.88 0.65 4.85
N PRO A 21 8.69 1.64 4.40
CA PRO A 21 8.28 2.59 3.37
C PRO A 21 8.09 1.88 2.02
N ALA A 22 6.83 1.73 1.63
CA ALA A 22 6.42 1.02 0.42
C ALA A 22 6.40 1.96 -0.81
N LYS A 23 6.71 1.41 -2.00
CA LYS A 23 6.61 2.09 -3.30
C LYS A 23 5.18 2.55 -3.52
N TYR A 24 4.94 3.85 -3.43
CA TYR A 24 3.60 4.42 -3.48
C TYR A 24 3.17 4.67 -4.93
N GLN A 25 1.94 4.26 -5.26
CA GLN A 25 1.36 4.37 -6.60
C GLN A 25 -0.04 5.02 -6.51
N PRO A 26 -0.14 6.32 -6.13
CA PRO A 26 -1.42 7.00 -5.89
C PRO A 26 -2.33 7.11 -7.13
N HIS A 27 -1.75 7.03 -8.34
CA HIS A 27 -2.46 6.96 -9.62
C HIS A 27 -3.13 5.59 -9.89
N LYS A 28 -2.64 4.53 -9.24
CA LYS A 28 -3.19 3.16 -9.25
C LYS A 28 -3.83 2.74 -7.91
N LYS A 29 -3.84 3.64 -6.92
CA LYS A 29 -4.19 3.40 -5.50
C LYS A 29 -3.54 2.15 -4.91
N ARG A 30 -2.28 1.91 -5.28
CA ARG A 30 -1.51 0.70 -4.98
C ARG A 30 -0.24 1.03 -4.19
N GLY A 31 0.20 0.11 -3.33
CA GLY A 31 1.45 0.24 -2.58
C GLY A 31 2.17 -1.11 -2.51
N LEU A 32 3.48 -1.11 -2.77
CA LEU A 32 4.33 -2.32 -2.80
C LEU A 32 5.48 -2.26 -1.80
N CYS A 33 5.56 -3.23 -0.90
CA CYS A 33 6.59 -3.26 0.15
C CYS A 33 8.02 -3.31 -0.42
N SER A 34 8.93 -2.59 0.24
CA SER A 34 10.37 -2.55 -0.10
C SER A 34 11.15 -3.74 0.51
N ARG A 35 10.61 -4.38 1.56
CA ARG A 35 11.25 -5.49 2.28
C ARG A 35 11.02 -6.82 1.56
N LEU A 36 12.11 -7.48 1.13
CA LEU A 36 12.07 -8.71 0.32
C LEU A 36 11.52 -9.93 1.07
N ALA A 37 11.63 -9.95 2.40
CA ALA A 37 11.03 -10.97 3.28
C ALA A 37 9.50 -10.80 3.49
N CYS A 38 8.94 -9.67 3.06
CA CYS A 38 7.55 -9.26 3.24
C CYS A 38 6.79 -9.25 1.89
N GLY A 39 7.26 -8.45 0.94
CA GLY A 39 6.83 -8.42 -0.47
C GLY A 39 5.31 -8.34 -0.66
N PHE A 40 4.69 -7.30 -0.08
CA PHE A 40 3.23 -7.17 0.04
C PHE A 40 2.66 -6.17 -0.98
N ASP A 41 1.40 -6.36 -1.35
CA ASP A 41 0.69 -5.60 -2.38
C ASP A 41 -0.67 -5.16 -1.83
N PHE A 42 -0.80 -3.86 -1.52
CA PHE A 42 -1.94 -3.32 -0.78
C PHE A 42 -2.67 -2.15 -1.44
N CYS A 43 -3.94 -2.01 -1.06
CA CYS A 43 -4.80 -0.88 -1.36
C CYS A 43 -4.45 0.29 -0.41
N VAL A 44 -4.08 1.44 -0.98
CA VAL A 44 -3.61 2.61 -0.21
C VAL A 44 -4.74 3.39 0.48
N LEU A 45 -6.01 3.03 0.19
CA LEU A 45 -7.20 3.68 0.75
C LEU A 45 -7.75 2.97 2.00
N CYS A 46 -7.61 1.63 2.09
CA CYS A 46 -8.11 0.81 3.20
C CYS A 46 -7.08 -0.14 3.86
N LEU A 47 -5.82 -0.11 3.39
CA LEU A 47 -4.66 -0.83 3.94
C LEU A 47 -4.85 -2.35 4.08
N CYS A 48 -5.61 -2.94 3.15
CA CYS A 48 -5.78 -4.39 2.99
C CYS A 48 -5.11 -4.86 1.68
N ALA A 49 -5.07 -6.18 1.45
CA ALA A 49 -4.55 -6.74 0.20
C ALA A 49 -5.25 -6.11 -1.03
N TYR A 50 -4.46 -5.75 -2.05
CA TYR A 50 -4.92 -4.94 -3.18
C TYR A 50 -6.10 -5.58 -3.94
N HIS A 51 -7.11 -4.74 -4.24
CA HIS A 51 -8.39 -5.17 -4.82
C HIS A 51 -8.78 -4.39 -6.11
N GLY A 52 -7.80 -3.78 -6.78
CA GLY A 52 -7.97 -3.13 -8.09
C GLY A 52 -9.06 -2.05 -8.12
N SER A 53 -10.00 -2.19 -9.06
CA SER A 53 -11.12 -1.26 -9.28
C SER A 53 -12.36 -1.53 -8.41
N GLU A 54 -12.36 -2.59 -7.58
CA GLU A 54 -13.44 -2.89 -6.64
C GLU A 54 -13.51 -1.86 -5.49
N ASP A 55 -14.66 -1.75 -4.81
CA ASP A 55 -14.86 -0.81 -3.70
C ASP A 55 -14.18 -1.27 -2.39
N CYS A 56 -13.66 -0.32 -1.62
CA CYS A 56 -13.05 -0.54 -0.31
C CYS A 56 -14.07 -0.93 0.79
N ARG A 57 -13.55 -1.50 1.87
CA ARG A 57 -14.27 -1.82 3.12
C ARG A 57 -14.74 -0.57 3.89
N ARG A 58 -15.62 -0.76 4.88
CA ARG A 58 -15.99 0.26 5.88
C ARG A 58 -14.91 0.40 6.97
N GLY A 59 -14.97 1.51 7.73
CA GLY A 59 -14.03 1.85 8.82
C GLY A 59 -12.73 2.48 8.33
ZN ZN B . 6.22 -4.98 4.29
ZN ZN C . -9.34 -0.50 -0.68
#